data_1QXF
#
_entry.id   1QXF
#
_cell.length_a   1.000
_cell.length_b   1.000
_cell.length_c   1.000
_cell.angle_alpha   90.00
_cell.angle_beta   90.00
_cell.angle_gamma   90.00
#
_symmetry.space_group_name_H-M   'P 1'
#
_entity_poly.entity_id   1
_entity_poly.type   'polypeptide(L)'
_entity_poly.pdbx_seq_one_letter_code
;MHSRFVKVKCPDCEHEQVIFDHPSTIVKCIICGRTVAEPTGGKGNIKAEIIEYVDQIELEHHHHHH
;
_entity_poly.pdbx_strand_id   A
#
# COMPACT_ATOMS: atom_id res chain seq x y z
N MET A 1 -11.95 -2.71 -11.47
CA MET A 1 -11.80 -2.20 -12.82
C MET A 1 -10.88 -0.97 -12.83
N HIS A 2 -11.38 0.12 -12.28
CA HIS A 2 -10.62 1.35 -12.22
C HIS A 2 -9.82 1.40 -10.92
N SER A 3 -8.54 1.69 -11.07
CA SER A 3 -7.65 1.78 -9.91
C SER A 3 -7.90 3.07 -9.15
N ARG A 4 -7.69 3.01 -7.84
CA ARG A 4 -7.90 4.16 -6.99
C ARG A 4 -6.70 4.35 -6.05
N PHE A 5 -6.68 5.49 -5.38
CA PHE A 5 -5.61 5.80 -4.45
C PHE A 5 -6.04 5.49 -3.01
N VAL A 6 -5.08 4.98 -2.24
CA VAL A 6 -5.34 4.65 -0.85
C VAL A 6 -4.09 4.96 -0.02
N LYS A 7 -4.32 5.63 1.09
CA LYS A 7 -3.23 5.99 1.99
C LYS A 7 -3.10 4.94 3.08
N VAL A 8 -1.89 4.42 3.23
CA VAL A 8 -1.63 3.40 4.23
C VAL A 8 -0.42 3.84 5.08
N LYS A 9 -0.26 3.13 6.20
CA LYS A 9 0.85 3.44 7.10
C LYS A 9 1.52 2.13 7.53
N CYS A 10 2.85 2.16 7.51
CA CYS A 10 3.62 0.99 7.90
C CYS A 10 3.48 0.79 9.40
N PRO A 11 3.13 -0.46 9.79
CA PRO A 11 2.96 -0.79 11.20
C PRO A 11 4.32 -0.93 11.89
N ASP A 12 5.28 -1.45 11.15
CA ASP A 12 6.62 -1.64 11.67
C ASP A 12 7.42 -0.35 11.51
N CYS A 13 7.27 0.26 10.34
CA CYS A 13 7.97 1.50 10.05
C CYS A 13 7.27 2.63 10.81
N GLU A 14 5.95 2.52 10.91
CA GLU A 14 5.16 3.51 11.60
C GLU A 14 5.04 4.78 10.75
N HIS A 15 5.55 4.69 9.54
CA HIS A 15 5.51 5.81 8.62
C HIS A 15 4.31 5.66 7.68
N GLU A 16 3.81 6.81 7.24
CA GLU A 16 2.66 6.82 6.33
C GLU A 16 3.14 6.74 4.88
N GLN A 17 2.43 5.92 4.11
CA GLN A 17 2.76 5.75 2.70
C GLN A 17 1.48 5.60 1.87
N VAL A 18 1.63 5.86 0.58
CA VAL A 18 0.51 5.76 -0.33
C VAL A 18 0.80 4.70 -1.41
N ILE A 19 -0.02 3.67 -1.42
CA ILE A 19 0.15 2.60 -2.38
C ILE A 19 -1.17 2.34 -3.10
N PHE A 20 -1.10 1.59 -4.18
CA PHE A 20 -2.27 1.27 -4.96
C PHE A 20 -3.02 0.06 -4.36
N ASP A 21 -4.33 0.05 -4.56
CA ASP A 21 -5.15 -1.02 -4.05
C ASP A 21 -5.12 -2.20 -5.04
N HIS A 22 -4.58 -3.31 -4.56
CA HIS A 22 -4.48 -4.50 -5.39
C HIS A 22 -3.48 -4.27 -6.52
N PRO A 23 -2.20 -4.07 -6.12
CA PRO A 23 -1.14 -3.82 -7.08
C PRO A 23 -0.75 -5.13 -7.80
N SER A 24 0.34 -5.05 -8.53
CA SER A 24 0.84 -6.20 -9.26
C SER A 24 2.21 -6.63 -8.73
N THR A 25 2.99 -5.63 -8.34
CA THR A 25 4.31 -5.89 -7.80
C THR A 25 4.33 -5.69 -6.29
N ILE A 26 5.33 -6.29 -5.66
CA ILE A 26 5.47 -6.19 -4.21
C ILE A 26 5.75 -4.73 -3.83
N VAL A 27 5.11 -4.30 -2.75
CA VAL A 27 5.28 -2.94 -2.26
C VAL A 27 6.26 -2.94 -1.09
N LYS A 28 7.41 -2.31 -1.33
CA LYS A 28 8.44 -2.23 -0.31
C LYS A 28 8.42 -0.84 0.32
N CYS A 29 8.58 -0.81 1.63
CA CYS A 29 8.59 0.45 2.36
C CYS A 29 9.67 1.34 1.77
N ILE A 30 9.25 2.52 1.32
CA ILE A 30 10.18 3.48 0.74
C ILE A 30 11.17 3.94 1.81
N ILE A 31 10.86 3.60 3.05
CA ILE A 31 11.71 3.97 4.17
C ILE A 31 12.95 3.07 4.18
N CYS A 32 12.75 1.86 4.69
CA CYS A 32 13.85 0.91 4.77
C CYS A 32 13.76 -0.03 3.56
N GLY A 33 12.56 -0.53 3.33
CA GLY A 33 12.33 -1.44 2.21
C GLY A 33 11.62 -2.71 2.68
N ARG A 34 10.79 -2.55 3.69
CA ARG A 34 10.05 -3.68 4.24
C ARG A 34 8.71 -3.83 3.52
N THR A 35 8.28 -5.08 3.38
CA THR A 35 7.02 -5.37 2.72
C THR A 35 5.86 -4.73 3.47
N VAL A 36 5.10 -3.93 2.74
CA VAL A 36 3.96 -3.24 3.32
C VAL A 36 2.67 -3.80 2.72
N ALA A 37 2.80 -4.33 1.51
CA ALA A 37 1.66 -4.91 0.82
C ALA A 37 2.14 -6.02 -0.11
N GLU A 38 1.37 -7.11 -0.13
CA GLU A 38 1.72 -8.25 -0.96
C GLU A 38 0.58 -8.54 -1.95
N PRO A 39 0.98 -8.84 -3.21
CA PRO A 39 0.00 -9.15 -4.25
C PRO A 39 -0.59 -10.55 -4.05
N THR A 40 0.10 -11.34 -3.25
CA THR A 40 -0.35 -12.70 -2.97
C THR A 40 -0.92 -13.34 -4.24
N GLY A 41 -1.73 -14.36 -4.04
CA GLY A 41 -2.35 -15.07 -5.14
C GLY A 41 -3.62 -14.35 -5.61
N GLY A 42 -3.43 -13.43 -6.55
CA GLY A 42 -4.54 -12.67 -7.09
C GLY A 42 -5.14 -11.74 -6.02
N LYS A 43 -5.48 -10.54 -6.45
CA LYS A 43 -6.06 -9.55 -5.55
C LYS A 43 -5.03 -9.20 -4.47
N GLY A 44 -4.39 -8.05 -4.67
CA GLY A 44 -3.39 -7.60 -3.72
C GLY A 44 -4.04 -7.22 -2.38
N ASN A 45 -3.32 -7.49 -1.32
CA ASN A 45 -3.80 -7.18 0.02
C ASN A 45 -2.77 -6.32 0.75
N ILE A 46 -3.28 -5.30 1.43
CA ILE A 46 -2.42 -4.39 2.18
C ILE A 46 -2.15 -4.99 3.56
N LYS A 47 -0.88 -5.30 3.79
CA LYS A 47 -0.46 -5.86 5.07
C LYS A 47 -0.04 -4.74 6.00
N ALA A 48 -0.79 -3.65 5.95
CA ALA A 48 -0.51 -2.49 6.79
C ALA A 48 -1.83 -1.84 7.20
N GLU A 49 -1.74 -1.00 8.23
CA GLU A 49 -2.91 -0.31 8.74
C GLU A 49 -3.32 0.81 7.77
N ILE A 50 -4.49 0.65 7.18
CA ILE A 50 -5.00 1.62 6.24
C ILE A 50 -5.62 2.79 7.01
N ILE A 51 -5.32 4.00 6.56
CA ILE A 51 -5.85 5.20 7.19
C ILE A 51 -7.12 5.64 6.46
N GLU A 52 -6.94 5.99 5.19
CA GLU A 52 -8.05 6.44 4.38
C GLU A 52 -7.57 6.77 2.96
N TYR A 53 -8.47 7.37 2.20
CA TYR A 53 -8.15 7.74 0.83
C TYR A 53 -7.25 8.97 0.78
N VAL A 54 -6.39 9.02 -0.23
CA VAL A 54 -5.47 10.12 -0.40
C VAL A 54 -6.04 11.09 -1.43
N ASP A 55 -5.57 12.33 -1.36
CA ASP A 55 -6.02 13.36 -2.28
C ASP A 55 -5.15 13.32 -3.55
N GLN A 56 -4.06 12.56 -3.45
CA GLN A 56 -3.15 12.43 -4.57
C GLN A 56 -3.76 11.52 -5.64
N ILE A 57 -4.51 12.12 -6.55
CA ILE A 57 -5.14 11.38 -7.63
C ILE A 57 -4.10 11.08 -8.71
N GLU A 58 -4.51 10.24 -9.65
CA GLU A 58 -3.64 9.87 -10.75
C GLU A 58 -3.74 10.89 -11.88
N MET A 1 -11.28 6.27 -14.12
CA MET A 1 -9.93 6.06 -13.63
C MET A 1 -9.74 4.61 -13.16
N HIS A 2 -8.71 3.98 -13.71
CA HIS A 2 -8.40 2.61 -13.36
C HIS A 2 -7.61 2.57 -12.06
N SER A 3 -7.96 1.61 -11.22
CA SER A 3 -7.28 1.45 -9.93
C SER A 3 -7.49 2.71 -9.08
N ARG A 4 -7.87 2.48 -7.83
CA ARG A 4 -8.10 3.58 -6.91
C ARG A 4 -6.89 3.78 -6.01
N PHE A 5 -6.91 4.89 -5.27
CA PHE A 5 -5.82 5.21 -4.37
C PHE A 5 -6.20 4.90 -2.92
N VAL A 6 -5.20 4.47 -2.15
CA VAL A 6 -5.41 4.14 -0.76
C VAL A 6 -4.16 4.53 0.05
N LYS A 7 -4.40 5.32 1.09
CA LYS A 7 -3.31 5.76 1.94
C LYS A 7 -3.14 4.78 3.10
N VAL A 8 -1.93 4.24 3.20
CA VAL A 8 -1.62 3.29 4.26
C VAL A 8 -0.42 3.79 5.07
N LYS A 9 -0.21 3.15 6.20
CA LYS A 9 0.90 3.53 7.07
C LYS A 9 1.63 2.27 7.52
N CYS A 10 2.96 2.32 7.44
CA CYS A 10 3.78 1.20 7.84
C CYS A 10 3.72 1.07 9.36
N PRO A 11 3.43 -0.18 9.82
CA PRO A 11 3.34 -0.44 11.25
C PRO A 11 4.73 -0.49 11.88
N ASP A 12 5.68 -1.03 11.13
CA ASP A 12 7.04 -1.15 11.61
C ASP A 12 7.77 0.17 11.37
N CYS A 13 7.51 0.77 10.21
CA CYS A 13 8.14 2.02 9.86
C CYS A 13 7.40 3.15 10.58
N GLU A 14 6.12 2.90 10.83
CA GLU A 14 5.29 3.88 11.51
C GLU A 14 5.11 5.13 10.64
N HIS A 15 5.57 5.02 9.40
CA HIS A 15 5.48 6.12 8.46
C HIS A 15 4.27 5.91 7.54
N GLU A 16 3.71 7.01 7.09
CA GLU A 16 2.56 6.96 6.21
C GLU A 16 3.01 6.88 4.75
N GLN A 17 2.33 6.02 4.01
CA GLN A 17 2.65 5.83 2.60
C GLN A 17 1.37 5.62 1.78
N VAL A 18 1.47 5.87 0.49
CA VAL A 18 0.34 5.71 -0.41
C VAL A 18 0.68 4.67 -1.47
N ILE A 19 -0.06 3.56 -1.43
CA ILE A 19 0.15 2.49 -2.38
C ILE A 19 -1.16 2.19 -3.09
N PHE A 20 -1.05 1.42 -4.18
CA PHE A 20 -2.22 1.05 -4.95
C PHE A 20 -2.92 -0.16 -4.34
N ASP A 21 -4.22 -0.23 -4.56
CA ASP A 21 -5.03 -1.33 -4.04
C ASP A 21 -4.98 -2.49 -5.03
N HIS A 22 -4.52 -3.63 -4.53
CA HIS A 22 -4.43 -4.83 -5.34
C HIS A 22 -3.39 -4.62 -6.45
N PRO A 23 -2.11 -4.44 -6.02
CA PRO A 23 -1.03 -4.22 -6.96
C PRO A 23 -0.65 -5.53 -7.66
N SER A 24 0.44 -5.45 -8.42
CA SER A 24 0.92 -6.62 -9.15
C SER A 24 2.29 -7.03 -8.64
N THR A 25 3.08 -6.03 -8.25
CA THR A 25 4.41 -6.29 -7.74
C THR A 25 4.44 -6.10 -6.23
N ILE A 26 5.49 -6.64 -5.61
CA ILE A 26 5.65 -6.54 -4.17
C ILE A 26 5.85 -5.07 -3.79
N VAL A 27 5.21 -4.69 -2.69
CA VAL A 27 5.32 -3.32 -2.20
C VAL A 27 6.31 -3.27 -1.04
N LYS A 28 7.41 -2.59 -1.29
CA LYS A 28 8.45 -2.45 -0.28
C LYS A 28 8.44 -1.03 0.28
N CYS A 29 8.59 -0.93 1.59
CA CYS A 29 8.60 0.36 2.25
C CYS A 29 9.66 1.24 1.58
N ILE A 30 9.22 2.39 1.08
CA ILE A 30 10.10 3.31 0.42
C ILE A 30 11.14 3.84 1.42
N ILE A 31 10.87 3.55 2.69
CA ILE A 31 11.76 3.99 3.75
C ILE A 31 12.99 3.07 3.79
N CYS A 32 12.80 1.91 4.41
CA CYS A 32 13.87 0.94 4.53
C CYS A 32 13.76 -0.04 3.35
N GLY A 33 12.56 -0.59 3.19
CA GLY A 33 12.32 -1.53 2.12
C GLY A 33 11.60 -2.78 2.65
N ARG A 34 10.77 -2.56 3.66
CA ARG A 34 10.03 -3.65 4.26
C ARG A 34 8.68 -3.82 3.56
N THR A 35 8.26 -5.08 3.44
CA THR A 35 6.99 -5.39 2.80
C THR A 35 5.84 -4.72 3.54
N VAL A 36 5.06 -3.95 2.79
CA VAL A 36 3.93 -3.25 3.36
C VAL A 36 2.64 -3.80 2.75
N ALA A 37 2.80 -4.54 1.67
CA ALA A 37 1.67 -5.14 0.99
C ALA A 37 2.15 -6.25 0.06
N GLU A 38 1.34 -7.29 -0.05
CA GLU A 38 1.68 -8.42 -0.90
C GLU A 38 0.57 -8.66 -1.93
N PRO A 39 1.01 -8.95 -3.18
CA PRO A 39 0.07 -9.20 -4.26
C PRO A 39 -0.56 -10.59 -4.12
N THR A 40 0.08 -11.42 -3.31
CA THR A 40 -0.41 -12.77 -3.08
C THR A 40 -0.87 -13.40 -4.40
N GLY A 41 -1.62 -14.48 -4.27
CA GLY A 41 -2.13 -15.19 -5.43
C GLY A 41 -3.65 -15.22 -5.44
N GLY A 42 -4.24 -14.04 -5.35
CA GLY A 42 -5.69 -13.93 -5.34
C GLY A 42 -6.12 -12.47 -5.47
N LYS A 43 -5.62 -11.65 -4.56
CA LYS A 43 -5.95 -10.23 -4.55
C LYS A 43 -5.02 -9.51 -3.57
N GLY A 44 -4.10 -8.74 -4.14
CA GLY A 44 -3.15 -7.99 -3.35
C GLY A 44 -3.83 -7.42 -2.08
N ASN A 45 -3.18 -7.66 -0.95
CA ASN A 45 -3.70 -7.19 0.32
C ASN A 45 -2.63 -6.35 1.02
N ILE A 46 -3.09 -5.30 1.69
CA ILE A 46 -2.19 -4.41 2.40
C ILE A 46 -1.91 -4.99 3.79
N LYS A 47 -0.64 -5.25 4.05
CA LYS A 47 -0.23 -5.80 5.32
C LYS A 47 0.18 -4.66 6.26
N ALA A 48 -0.59 -3.59 6.21
CA ALA A 48 -0.32 -2.42 7.04
C ALA A 48 -1.64 -1.79 7.46
N GLU A 49 -1.56 -0.92 8.46
CA GLU A 49 -2.74 -0.24 8.97
C GLU A 49 -3.19 0.84 7.99
N ILE A 50 -4.33 0.60 7.37
CA ILE A 50 -4.88 1.54 6.41
C ILE A 50 -5.58 2.68 7.16
N ILE A 51 -5.41 3.88 6.63
CA ILE A 51 -6.01 5.06 7.23
C ILE A 51 -7.32 5.37 6.51
N GLU A 52 -7.22 5.53 5.20
CA GLU A 52 -8.38 5.85 4.39
C GLU A 52 -7.96 6.18 2.96
N TYR A 53 -8.90 6.74 2.22
CA TYR A 53 -8.64 7.10 0.83
C TYR A 53 -7.82 8.39 0.75
N VAL A 54 -6.92 8.43 -0.22
CA VAL A 54 -6.07 9.59 -0.41
C VAL A 54 -6.79 10.61 -1.30
N ASP A 55 -6.17 11.76 -1.47
CA ASP A 55 -6.73 12.82 -2.29
C ASP A 55 -6.01 12.85 -3.64
N GLN A 56 -4.87 12.17 -3.68
CA GLN A 56 -4.08 12.12 -4.90
C GLN A 56 -4.72 11.16 -5.91
N ILE A 57 -5.57 11.74 -6.76
CA ILE A 57 -6.25 10.96 -7.77
C ILE A 57 -5.26 10.60 -8.88
N GLU A 58 -5.71 9.73 -9.78
CA GLU A 58 -4.88 9.30 -10.89
C GLU A 58 -4.80 10.40 -11.95
N MET A 1 -13.23 1.17 -11.07
CA MET A 1 -12.73 0.38 -12.18
C MET A 1 -11.20 0.44 -12.27
N HIS A 2 -10.70 1.67 -12.33
CA HIS A 2 -9.26 1.88 -12.41
C HIS A 2 -8.67 1.94 -11.00
N SER A 3 -7.51 1.32 -10.84
CA SER A 3 -6.83 1.30 -9.56
C SER A 3 -7.00 2.65 -8.86
N ARG A 4 -7.64 2.60 -7.71
CA ARG A 4 -7.87 3.81 -6.93
C ARG A 4 -6.70 4.06 -5.98
N PHE A 5 -6.71 5.25 -5.38
CA PHE A 5 -5.66 5.62 -4.46
C PHE A 5 -6.08 5.38 -3.01
N VAL A 6 -5.13 4.88 -2.22
CA VAL A 6 -5.40 4.59 -0.82
C VAL A 6 -4.15 4.91 -0.01
N LYS A 7 -4.36 5.66 1.08
CA LYS A 7 -3.26 6.04 1.95
C LYS A 7 -3.13 5.00 3.07
N VAL A 8 -1.96 4.40 3.15
CA VAL A 8 -1.69 3.41 4.16
C VAL A 8 -0.51 3.85 5.02
N LYS A 9 -0.34 3.16 6.15
CA LYS A 9 0.74 3.48 7.06
C LYS A 9 1.46 2.19 7.46
N CYS A 10 2.78 2.26 7.44
CA CYS A 10 3.60 1.11 7.80
C CYS A 10 3.49 0.90 9.31
N PRO A 11 3.18 -0.37 9.69
CA PRO A 11 3.04 -0.72 11.10
C PRO A 11 4.41 -0.82 11.77
N ASP A 12 5.38 -1.31 11.02
CA ASP A 12 6.73 -1.46 11.52
C ASP A 12 7.47 -0.13 11.39
N CYS A 13 7.31 0.49 10.22
CA CYS A 13 7.95 1.76 9.95
C CYS A 13 7.20 2.86 10.72
N GLU A 14 5.90 2.64 10.87
CA GLU A 14 5.06 3.59 11.57
C GLU A 14 4.91 4.88 10.76
N HIS A 15 5.42 4.83 9.54
CA HIS A 15 5.35 5.98 8.65
C HIS A 15 4.16 5.80 7.69
N GLU A 16 3.62 6.93 7.26
CA GLU A 16 2.49 6.92 6.36
C GLU A 16 2.98 6.87 4.91
N GLN A 17 2.30 6.06 4.12
CA GLN A 17 2.64 5.91 2.71
C GLN A 17 1.39 5.74 1.87
N VAL A 18 1.54 6.02 0.57
CA VAL A 18 0.43 5.90 -0.34
C VAL A 18 0.75 4.85 -1.42
N ILE A 19 -0.01 3.78 -1.40
CA ILE A 19 0.18 2.69 -2.35
C ILE A 19 -1.16 2.31 -2.96
N PHE A 20 -1.09 1.54 -4.05
CA PHE A 20 -2.29 1.10 -4.73
C PHE A 20 -2.93 -0.08 -3.99
N ASP A 21 -4.25 -0.16 -4.12
CA ASP A 21 -4.99 -1.24 -3.48
C ASP A 21 -5.04 -2.45 -4.41
N HIS A 22 -4.44 -3.53 -3.95
CA HIS A 22 -4.40 -4.77 -4.73
C HIS A 22 -3.52 -4.56 -5.96
N PRO A 23 -2.20 -4.33 -5.69
CA PRO A 23 -1.25 -4.12 -6.76
C PRO A 23 -0.90 -5.44 -7.45
N SER A 24 0.15 -5.40 -8.26
CA SER A 24 0.59 -6.58 -8.98
C SER A 24 1.98 -6.99 -8.50
N THR A 25 2.78 -5.99 -8.18
CA THR A 25 4.14 -6.23 -7.71
C THR A 25 4.22 -6.02 -6.19
N ILE A 26 5.28 -6.58 -5.62
CA ILE A 26 5.49 -6.45 -4.18
C ILE A 26 5.73 -4.98 -3.83
N VAL A 27 5.15 -4.57 -2.71
CA VAL A 27 5.29 -3.19 -2.26
C VAL A 27 6.31 -3.15 -1.11
N LYS A 28 7.43 -2.49 -1.39
CA LYS A 28 8.48 -2.36 -0.39
C LYS A 28 8.47 -0.94 0.17
N CYS A 29 8.59 -0.86 1.49
CA CYS A 29 8.59 0.43 2.17
C CYS A 29 9.67 1.30 1.52
N ILE A 30 9.29 2.55 1.28
CA ILE A 30 10.21 3.50 0.66
C ILE A 30 11.20 3.99 1.72
N ILE A 31 10.92 3.65 2.96
CA ILE A 31 11.77 4.05 4.07
C ILE A 31 12.98 3.11 4.14
N CYS A 32 12.76 1.97 4.78
CA CYS A 32 13.81 0.98 4.93
C CYS A 32 13.75 0.03 3.73
N GLY A 33 12.57 -0.53 3.51
CA GLY A 33 12.37 -1.45 2.41
C GLY A 33 11.64 -2.72 2.88
N ARG A 34 10.75 -2.52 3.85
CA ARG A 34 9.98 -3.63 4.38
C ARG A 34 8.69 -3.81 3.60
N THR A 35 8.23 -5.05 3.55
CA THR A 35 7.00 -5.38 2.83
C THR A 35 5.81 -4.68 3.48
N VAL A 36 5.09 -3.92 2.67
CA VAL A 36 3.93 -3.20 3.17
C VAL A 36 2.67 -3.76 2.49
N ALA A 37 2.90 -4.51 1.43
CA ALA A 37 1.80 -5.11 0.69
C ALA A 37 2.34 -6.23 -0.21
N GLU A 38 1.60 -7.34 -0.23
CA GLU A 38 2.00 -8.46 -1.04
C GLU A 38 0.88 -8.85 -2.01
N PRO A 39 1.28 -9.16 -3.27
CA PRO A 39 0.32 -9.54 -4.30
C PRO A 39 -0.19 -10.96 -4.07
N THR A 40 -1.07 -11.09 -3.08
CA THR A 40 -1.64 -12.38 -2.75
C THR A 40 -2.09 -13.10 -4.02
N GLY A 41 -2.43 -14.37 -3.85
CA GLY A 41 -2.88 -15.18 -4.98
C GLY A 41 -3.90 -14.42 -5.82
N GLY A 42 -3.42 -13.87 -6.92
CA GLY A 42 -4.28 -13.11 -7.82
C GLY A 42 -4.20 -11.61 -7.53
N LYS A 43 -5.00 -11.18 -6.58
CA LYS A 43 -5.03 -9.78 -6.19
C LYS A 43 -3.98 -9.53 -5.11
N GLY A 44 -3.91 -8.28 -4.69
CA GLY A 44 -2.95 -7.89 -3.66
C GLY A 44 -3.66 -7.45 -2.39
N ASN A 45 -2.98 -7.65 -1.26
CA ASN A 45 -3.54 -7.27 0.03
C ASN A 45 -2.56 -6.35 0.75
N ILE A 46 -3.12 -5.35 1.42
CA ILE A 46 -2.32 -4.39 2.16
C ILE A 46 -1.96 -4.98 3.52
N LYS A 47 -0.66 -5.22 3.70
CA LYS A 47 -0.17 -5.77 4.95
C LYS A 47 0.21 -4.63 5.89
N ALA A 48 -0.59 -3.58 5.84
CA ALA A 48 -0.35 -2.41 6.69
C ALA A 48 -1.69 -1.80 7.09
N GLU A 49 -1.64 -0.99 8.14
CA GLU A 49 -2.84 -0.33 8.63
C GLU A 49 -3.26 0.80 7.68
N ILE A 50 -4.46 0.65 7.13
CA ILE A 50 -5.00 1.63 6.22
C ILE A 50 -5.61 2.78 7.01
N ILE A 51 -5.40 3.99 6.51
CA ILE A 51 -5.93 5.18 7.16
C ILE A 51 -7.19 5.63 6.43
N GLU A 52 -7.03 5.92 5.15
CA GLU A 52 -8.14 6.36 4.33
C GLU A 52 -7.66 6.68 2.91
N TYR A 53 -8.57 7.26 2.13
CA TYR A 53 -8.25 7.63 0.76
C TYR A 53 -7.39 8.90 0.71
N VAL A 54 -6.54 8.95 -0.29
CA VAL A 54 -5.66 10.09 -0.47
C VAL A 54 -6.30 11.08 -1.45
N ASP A 55 -5.74 12.28 -1.49
CA ASP A 55 -6.23 13.31 -2.38
C ASP A 55 -5.44 13.30 -3.67
N GLN A 56 -4.32 12.58 -3.63
CA GLN A 56 -3.46 12.47 -4.80
C GLN A 56 -4.06 11.52 -5.83
N ILE A 57 -4.87 12.10 -6.71
CA ILE A 57 -5.51 11.32 -7.76
C ILE A 57 -4.52 11.04 -8.88
N GLU A 58 -4.92 10.16 -9.78
CA GLU A 58 -4.08 9.80 -10.90
C GLU A 58 -4.33 10.73 -12.09
N MET A 1 -13.07 1.03 -11.82
CA MET A 1 -12.45 0.81 -13.12
C MET A 1 -10.97 1.18 -13.09
N HIS A 2 -10.72 2.46 -12.85
CA HIS A 2 -9.36 2.97 -12.79
C HIS A 2 -8.77 2.71 -11.40
N SER A 3 -7.53 2.25 -11.40
CA SER A 3 -6.84 1.96 -10.14
C SER A 3 -7.18 3.03 -9.11
N ARG A 4 -7.75 2.58 -7.99
CA ARG A 4 -8.11 3.48 -6.92
C ARG A 4 -6.90 3.76 -6.03
N PHE A 5 -7.07 4.74 -5.15
CA PHE A 5 -6.00 5.12 -4.24
C PHE A 5 -6.37 4.75 -2.79
N VAL A 6 -5.35 4.31 -2.07
CA VAL A 6 -5.54 3.93 -0.68
C VAL A 6 -4.31 4.34 0.14
N LYS A 7 -4.58 5.03 1.24
CA LYS A 7 -3.51 5.49 2.11
C LYS A 7 -3.29 4.46 3.22
N VAL A 8 -2.03 4.05 3.37
CA VAL A 8 -1.68 3.08 4.39
C VAL A 8 -0.51 3.62 5.21
N LYS A 9 -0.26 2.96 6.33
CA LYS A 9 0.81 3.36 7.22
C LYS A 9 1.60 2.13 7.65
N CYS A 10 2.92 2.25 7.58
CA CYS A 10 3.80 1.15 7.96
C CYS A 10 3.74 0.99 9.48
N PRO A 11 3.50 -0.28 9.92
CA PRO A 11 3.41 -0.57 11.34
C PRO A 11 4.81 -0.57 11.98
N ASP A 12 5.78 -1.06 11.22
CA ASP A 12 7.14 -1.11 11.69
C ASP A 12 7.82 0.24 11.47
N CYS A 13 7.56 0.81 10.30
CA CYS A 13 8.13 2.09 9.96
C CYS A 13 7.35 3.19 10.70
N GLU A 14 6.08 2.90 10.93
CA GLU A 14 5.22 3.84 11.63
C GLU A 14 4.99 5.09 10.78
N HIS A 15 5.46 5.01 9.54
CA HIS A 15 5.32 6.12 8.61
C HIS A 15 4.12 5.87 7.70
N GLU A 16 3.51 6.96 7.25
CA GLU A 16 2.36 6.87 6.38
C GLU A 16 2.80 6.83 4.91
N GLN A 17 2.14 5.97 4.16
CA GLN A 17 2.46 5.83 2.74
C GLN A 17 1.19 5.53 1.95
N VAL A 18 1.25 5.83 0.66
CA VAL A 18 0.12 5.61 -0.23
C VAL A 18 0.51 4.55 -1.28
N ILE A 19 -0.22 3.45 -1.26
CA ILE A 19 0.02 2.37 -2.20
C ILE A 19 -1.30 1.97 -2.86
N PHE A 20 -1.18 1.19 -3.92
CA PHE A 20 -2.34 0.72 -4.65
C PHE A 20 -3.08 -0.37 -3.87
N ASP A 21 -4.39 -0.44 -4.11
CA ASP A 21 -5.21 -1.43 -3.44
C ASP A 21 -5.07 -2.77 -4.15
N HIS A 22 -4.49 -2.72 -5.34
CA HIS A 22 -4.28 -3.92 -6.12
C HIS A 22 -3.13 -3.71 -7.11
N PRO A 23 -1.90 -3.64 -6.55
CA PRO A 23 -0.71 -3.43 -7.36
C PRO A 23 -0.33 -4.71 -8.11
N SER A 24 0.80 -4.65 -8.79
CA SER A 24 1.28 -5.78 -9.55
C SER A 24 2.61 -6.27 -8.98
N THR A 25 3.41 -5.32 -8.52
CA THR A 25 4.70 -5.63 -7.94
C THR A 25 4.66 -5.49 -6.41
N ILE A 26 5.65 -6.09 -5.77
CA ILE A 26 5.73 -6.05 -4.32
C ILE A 26 5.94 -4.60 -3.87
N VAL A 27 5.25 -4.24 -2.80
CA VAL A 27 5.35 -2.90 -2.26
C VAL A 27 6.34 -2.89 -1.09
N LYS A 28 7.46 -2.20 -1.30
CA LYS A 28 8.48 -2.10 -0.28
C LYS A 28 8.47 -0.69 0.32
N CYS A 29 8.67 -0.64 1.62
CA CYS A 29 8.68 0.63 2.33
C CYS A 29 9.74 1.52 1.68
N ILE A 30 9.29 2.68 1.22
CA ILE A 30 10.19 3.63 0.58
C ILE A 30 11.21 4.13 1.60
N ILE A 31 10.96 3.81 2.86
CA ILE A 31 11.84 4.21 3.93
C ILE A 31 13.07 3.30 3.95
N CYS A 32 12.88 2.13 4.55
CA CYS A 32 13.97 1.16 4.63
C CYS A 32 13.86 0.22 3.44
N GLY A 33 12.67 -0.33 3.26
CA GLY A 33 12.43 -1.25 2.15
C GLY A 33 11.72 -2.51 2.64
N ARG A 34 10.89 -2.33 3.67
CA ARG A 34 10.15 -3.45 4.23
C ARG A 34 8.80 -3.61 3.53
N THR A 35 8.39 -4.86 3.41
CA THR A 35 7.12 -5.17 2.75
C THR A 35 5.96 -4.56 3.53
N VAL A 36 5.16 -3.77 2.82
CA VAL A 36 4.01 -3.12 3.44
C VAL A 36 2.73 -3.68 2.83
N ALA A 37 2.88 -4.29 1.66
CA ALA A 37 1.74 -4.88 0.97
C ALA A 37 2.26 -5.82 -0.13
N GLU A 38 1.58 -6.95 -0.25
CA GLU A 38 1.94 -7.94 -1.25
C GLU A 38 0.76 -8.24 -2.17
N PRO A 39 1.06 -8.35 -3.49
CA PRO A 39 0.02 -8.64 -4.48
C PRO A 39 -0.39 -10.11 -4.41
N THR A 40 -0.81 -10.52 -3.22
CA THR A 40 -1.25 -11.89 -3.02
C THR A 40 -2.66 -12.09 -3.58
N GLY A 41 -2.93 -13.32 -3.98
CA GLY A 41 -4.22 -13.67 -4.54
C GLY A 41 -4.57 -12.75 -5.72
N GLY A 42 -5.86 -12.72 -6.04
CA GLY A 42 -6.33 -11.90 -7.14
C GLY A 42 -6.03 -10.41 -6.88
N LYS A 43 -6.54 -9.92 -5.76
CA LYS A 43 -6.33 -8.54 -5.40
C LYS A 43 -5.22 -8.45 -4.34
N GLY A 44 -4.40 -7.42 -4.47
CA GLY A 44 -3.31 -7.22 -3.53
C GLY A 44 -3.83 -6.98 -2.11
N ASN A 45 -3.08 -7.49 -1.15
CA ASN A 45 -3.46 -7.35 0.25
C ASN A 45 -2.41 -6.50 0.97
N ILE A 46 -2.89 -5.49 1.67
CA ILE A 46 -2.00 -4.60 2.40
C ILE A 46 -1.72 -5.20 3.77
N LYS A 47 -0.44 -5.41 4.05
CA LYS A 47 -0.02 -5.97 5.32
C LYS A 47 0.35 -4.84 6.27
N ALA A 48 -0.46 -3.78 6.24
CA ALA A 48 -0.22 -2.63 7.10
C ALA A 48 -1.56 -2.03 7.51
N GLU A 49 -1.51 -1.17 8.53
CA GLU A 49 -2.70 -0.53 9.03
C GLU A 49 -3.17 0.55 8.05
N ILE A 50 -4.29 0.28 7.40
CA ILE A 50 -4.85 1.21 6.45
C ILE A 50 -5.57 2.34 7.20
N ILE A 51 -5.49 3.53 6.63
CA ILE A 51 -6.13 4.68 7.24
C ILE A 51 -7.43 5.00 6.49
N GLU A 52 -7.28 5.46 5.26
CA GLU A 52 -8.43 5.81 4.44
C GLU A 52 -7.98 6.08 3.00
N TYR A 53 -8.92 6.58 2.21
CA TYR A 53 -8.64 6.89 0.81
C TYR A 53 -7.82 8.18 0.70
N VAL A 54 -6.94 8.20 -0.30
CA VAL A 54 -6.10 9.36 -0.53
C VAL A 54 -6.62 10.12 -1.75
N ASP A 55 -5.95 11.22 -2.05
CA ASP A 55 -6.33 12.05 -3.18
C ASP A 55 -5.32 11.85 -4.32
N GLN A 56 -4.20 11.23 -3.97
CA GLN A 56 -3.15 10.97 -4.95
C GLN A 56 -3.55 9.80 -5.85
N ILE A 57 -4.13 10.15 -6.99
CA ILE A 57 -4.57 9.15 -7.95
C ILE A 57 -3.36 8.69 -8.77
N GLU A 58 -3.57 7.62 -9.52
CA GLU A 58 -2.52 7.07 -10.36
C GLU A 58 -1.97 8.13 -11.30
N MET A 1 -11.80 -1.15 -15.25
CA MET A 1 -11.73 -0.92 -13.82
C MET A 1 -10.39 -0.30 -13.42
N HIS A 2 -10.41 1.03 -13.35
CA HIS A 2 -9.20 1.77 -12.99
C HIS A 2 -8.94 1.61 -11.49
N SER A 3 -7.67 1.42 -11.16
CA SER A 3 -7.27 1.26 -9.78
C SER A 3 -7.50 2.55 -9.01
N ARG A 4 -7.79 2.42 -7.73
CA ARG A 4 -8.03 3.57 -6.88
C ARG A 4 -6.83 3.81 -5.96
N PHE A 5 -6.86 4.95 -5.29
CA PHE A 5 -5.79 5.32 -4.38
C PHE A 5 -6.15 4.98 -2.94
N VAL A 6 -5.14 4.55 -2.20
CA VAL A 6 -5.34 4.19 -0.80
C VAL A 6 -4.09 4.57 0.00
N LYS A 7 -4.32 5.32 1.07
CA LYS A 7 -3.24 5.77 1.93
C LYS A 7 -3.07 4.78 3.09
N VAL A 8 -1.87 4.24 3.19
CA VAL A 8 -1.57 3.29 4.25
C VAL A 8 -0.36 3.78 5.04
N LYS A 9 -0.15 3.15 6.20
CA LYS A 9 0.97 3.52 7.05
C LYS A 9 1.68 2.25 7.52
N CYS A 10 3.00 2.30 7.49
CA CYS A 10 3.81 1.17 7.91
C CYS A 10 3.70 1.04 9.43
N PRO A 11 3.41 -0.22 9.87
CA PRO A 11 3.28 -0.49 11.29
C PRO A 11 4.64 -0.53 11.98
N ASP A 12 5.62 -1.04 11.24
CA ASP A 12 6.98 -1.14 11.76
C ASP A 12 7.70 0.19 11.54
N CYS A 13 7.50 0.76 10.36
CA CYS A 13 8.13 2.02 10.01
C CYS A 13 7.37 3.14 10.72
N GLU A 14 6.07 2.91 10.90
CA GLU A 14 5.22 3.88 11.56
C GLU A 14 5.05 5.13 10.68
N HIS A 15 5.55 5.02 9.46
CA HIS A 15 5.47 6.11 8.51
C HIS A 15 4.26 5.90 7.59
N GLU A 16 3.71 7.01 7.12
CA GLU A 16 2.57 6.96 6.23
C GLU A 16 3.03 6.89 4.78
N GLN A 17 2.34 6.05 4.01
CA GLN A 17 2.67 5.89 2.61
C GLN A 17 1.39 5.69 1.79
N VAL A 18 1.51 5.96 0.50
CA VAL A 18 0.37 5.83 -0.41
C VAL A 18 0.71 4.79 -1.49
N ILE A 19 -0.02 3.68 -1.45
CA ILE A 19 0.19 2.62 -2.41
C ILE A 19 -1.15 2.28 -3.09
N PHE A 20 -1.05 1.53 -4.18
CA PHE A 20 -2.23 1.14 -4.92
C PHE A 20 -2.84 -0.14 -4.35
N ASP A 21 -4.14 -0.27 -4.53
CA ASP A 21 -4.85 -1.43 -4.04
C ASP A 21 -4.72 -2.58 -5.05
N HIS A 22 -4.02 -2.28 -6.13
CA HIS A 22 -3.82 -3.27 -7.18
C HIS A 22 -2.40 -3.12 -7.75
N PRO A 23 -1.40 -3.37 -6.86
CA PRO A 23 -0.01 -3.27 -7.27
C PRO A 23 0.41 -4.47 -8.13
N SER A 24 0.12 -5.65 -7.61
CA SER A 24 0.45 -6.88 -8.33
C SER A 24 1.86 -7.34 -7.94
N THR A 25 2.73 -6.36 -7.72
CA THR A 25 4.10 -6.65 -7.35
C THR A 25 4.33 -6.36 -5.87
N ILE A 26 5.41 -6.92 -5.35
CA ILE A 26 5.75 -6.72 -3.95
C ILE A 26 6.06 -5.25 -3.71
N VAL A 27 5.58 -4.76 -2.58
CA VAL A 27 5.79 -3.37 -2.20
C VAL A 27 6.69 -3.31 -0.96
N LYS A 28 7.87 -2.76 -1.16
CA LYS A 28 8.83 -2.63 -0.07
C LYS A 28 8.81 -1.19 0.46
N CYS A 29 8.92 -1.08 1.77
CA CYS A 29 8.91 0.23 2.41
C CYS A 29 10.01 1.08 1.77
N ILE A 30 9.60 2.22 1.24
CA ILE A 30 10.53 3.13 0.59
C ILE A 30 11.49 3.69 1.64
N ILE A 31 11.17 3.44 2.90
CA ILE A 31 11.99 3.91 4.00
C ILE A 31 13.21 3.00 4.14
N CYS A 32 12.98 1.84 4.74
CA CYS A 32 14.05 0.88 4.95
C CYS A 32 14.01 -0.13 3.80
N GLY A 33 12.83 -0.69 3.58
CA GLY A 33 12.64 -1.68 2.53
C GLY A 33 11.91 -2.91 3.05
N ARG A 34 11.06 -2.68 4.04
CA ARG A 34 10.29 -3.76 4.63
C ARG A 34 8.97 -3.95 3.88
N THR A 35 8.53 -5.20 3.83
CA THR A 35 7.29 -5.53 3.15
C THR A 35 6.11 -4.84 3.83
N VAL A 36 5.37 -4.08 3.04
CA VAL A 36 4.21 -3.36 3.55
C VAL A 36 2.94 -3.93 2.92
N ALA A 37 3.07 -4.35 1.66
CA ALA A 37 1.94 -4.91 0.93
C ALA A 37 2.45 -5.99 -0.02
N GLU A 38 1.71 -7.08 -0.07
CA GLU A 38 2.07 -8.19 -0.93
C GLU A 38 0.87 -8.61 -1.79
N PRO A 39 1.17 -8.88 -3.09
CA PRO A 39 0.14 -9.29 -4.02
C PRO A 39 -0.29 -10.74 -3.78
N THR A 40 -1.49 -10.87 -3.21
CA THR A 40 -2.02 -12.19 -2.93
C THR A 40 -3.12 -12.56 -3.93
N GLY A 41 -2.80 -13.52 -4.78
CA GLY A 41 -3.73 -13.97 -5.79
C GLY A 41 -4.39 -12.78 -6.50
N GLY A 42 -5.70 -12.70 -6.37
CA GLY A 42 -6.46 -11.62 -6.98
C GLY A 42 -6.65 -10.45 -6.01
N LYS A 43 -6.23 -9.27 -6.47
CA LYS A 43 -6.34 -8.08 -5.66
C LYS A 43 -5.30 -8.13 -4.53
N GLY A 44 -4.31 -7.26 -4.64
CA GLY A 44 -3.25 -7.20 -3.65
C GLY A 44 -3.83 -6.95 -2.26
N ASN A 45 -3.03 -7.31 -1.26
CA ASN A 45 -3.45 -7.14 0.13
C ASN A 45 -2.42 -6.28 0.86
N ILE A 46 -2.92 -5.27 1.56
CA ILE A 46 -2.05 -4.38 2.31
C ILE A 46 -1.77 -4.98 3.68
N LYS A 47 -0.49 -5.23 3.92
CA LYS A 47 -0.07 -5.81 5.19
C LYS A 47 0.33 -4.68 6.15
N ALA A 48 -0.45 -3.60 6.11
CA ALA A 48 -0.19 -2.46 6.97
C ALA A 48 -1.52 -1.83 7.38
N GLU A 49 -1.44 -0.98 8.39
CA GLU A 49 -2.63 -0.31 8.89
C GLU A 49 -3.08 0.78 7.93
N ILE A 50 -4.23 0.55 7.31
CA ILE A 50 -4.77 1.49 6.35
C ILE A 50 -5.52 2.60 7.10
N ILE A 51 -5.22 3.83 6.72
CA ILE A 51 -5.85 4.99 7.35
C ILE A 51 -7.16 5.29 6.65
N GLU A 52 -7.06 5.57 5.35
CA GLU A 52 -8.22 5.87 4.55
C GLU A 52 -7.82 6.21 3.12
N TYR A 53 -8.78 6.73 2.36
CA TYR A 53 -8.53 7.10 0.98
C TYR A 53 -7.72 8.39 0.89
N VAL A 54 -6.86 8.45 -0.11
CA VAL A 54 -6.02 9.62 -0.32
C VAL A 54 -6.78 10.63 -1.19
N ASP A 55 -6.17 11.80 -1.35
CA ASP A 55 -6.77 12.85 -2.15
C ASP A 55 -6.07 12.90 -3.51
N GLN A 56 -4.90 12.29 -3.57
CA GLN A 56 -4.13 12.25 -4.80
C GLN A 56 -4.74 11.26 -5.79
N ILE A 57 -5.68 11.78 -6.59
CA ILE A 57 -6.34 10.95 -7.58
C ILE A 57 -5.35 10.57 -8.68
N GLU A 58 -5.78 9.66 -9.54
CA GLU A 58 -4.94 9.21 -10.63
C GLU A 58 -4.70 10.34 -11.62
N MET A 1 -12.39 1.53 -13.42
CA MET A 1 -11.50 1.07 -14.47
C MET A 1 -10.04 1.12 -14.01
N HIS A 2 -9.64 2.29 -13.56
CA HIS A 2 -8.27 2.48 -13.08
C HIS A 2 -8.22 2.28 -11.57
N SER A 3 -7.16 1.61 -11.12
CA SER A 3 -6.99 1.35 -9.71
C SER A 3 -7.31 2.61 -8.89
N ARG A 4 -7.62 2.39 -7.63
CA ARG A 4 -7.96 3.49 -6.74
C ARG A 4 -6.76 3.82 -5.84
N PHE A 5 -6.88 4.94 -5.14
CA PHE A 5 -5.83 5.39 -4.25
C PHE A 5 -6.19 5.09 -2.79
N VAL A 6 -5.18 4.64 -2.04
CA VAL A 6 -5.38 4.32 -0.64
C VAL A 6 -4.12 4.70 0.14
N LYS A 7 -4.34 5.43 1.22
CA LYS A 7 -3.24 5.86 2.07
C LYS A 7 -3.05 4.87 3.21
N VAL A 8 -1.86 4.29 3.27
CA VAL A 8 -1.54 3.32 4.30
C VAL A 8 -0.33 3.81 5.09
N LYS A 9 -0.10 3.17 6.23
CA LYS A 9 1.02 3.52 7.08
C LYS A 9 1.72 2.24 7.55
N CYS A 10 3.04 2.27 7.49
CA CYS A 10 3.83 1.13 7.92
C CYS A 10 3.74 1.02 9.44
N PRO A 11 3.43 -0.21 9.91
CA PRO A 11 3.31 -0.46 11.34
C PRO A 11 4.69 -0.54 11.99
N ASP A 12 5.64 -1.09 11.25
CA ASP A 12 7.00 -1.23 11.75
C ASP A 12 7.75 0.08 11.51
N CYS A 13 7.52 0.66 10.34
CA CYS A 13 8.17 1.90 9.97
C CYS A 13 7.44 3.05 10.68
N GLU A 14 6.15 2.85 10.90
CA GLU A 14 5.34 3.85 11.56
C GLU A 14 5.18 5.09 10.66
N HIS A 15 5.65 4.95 9.43
CA HIS A 15 5.58 6.04 8.48
C HIS A 15 4.35 5.85 7.58
N GLU A 16 3.82 6.97 7.12
CA GLU A 16 2.66 6.94 6.25
C GLU A 16 3.08 6.87 4.78
N GLN A 17 2.37 6.04 4.03
CA GLN A 17 2.67 5.87 2.61
C GLN A 17 1.37 5.69 1.82
N VAL A 18 1.48 5.93 0.52
CA VAL A 18 0.32 5.79 -0.36
C VAL A 18 0.64 4.77 -1.45
N ILE A 19 -0.10 3.67 -1.40
CA ILE A 19 0.09 2.60 -2.38
C ILE A 19 -1.25 2.30 -3.05
N PHE A 20 -1.17 1.55 -4.15
CA PHE A 20 -2.36 1.18 -4.89
C PHE A 20 -2.89 -0.18 -4.45
N ASP A 21 -4.19 -0.36 -4.58
CA ASP A 21 -4.82 -1.61 -4.20
C ASP A 21 -4.66 -2.62 -5.34
N HIS A 22 -4.09 -3.77 -4.99
CA HIS A 22 -3.88 -4.82 -5.96
C HIS A 22 -2.81 -4.38 -6.97
N PRO A 23 -1.57 -4.18 -6.45
CA PRO A 23 -0.47 -3.75 -7.28
C PRO A 23 0.05 -4.91 -8.14
N SER A 24 -0.10 -6.12 -7.61
CA SER A 24 0.34 -7.31 -8.31
C SER A 24 1.80 -7.62 -7.95
N THR A 25 2.56 -6.56 -7.74
CA THR A 25 3.96 -6.70 -7.40
C THR A 25 4.17 -6.41 -5.91
N ILE A 26 5.29 -6.89 -5.40
CA ILE A 26 5.63 -6.69 -4.00
C ILE A 26 5.84 -5.20 -3.73
N VAL A 27 5.34 -4.76 -2.59
CA VAL A 27 5.46 -3.36 -2.21
C VAL A 27 6.43 -3.25 -1.03
N LYS A 28 7.55 -2.59 -1.29
CA LYS A 28 8.57 -2.40 -0.27
C LYS A 28 8.50 -0.96 0.25
N CYS A 29 8.60 -0.85 1.57
CA CYS A 29 8.55 0.45 2.21
C CYS A 29 9.53 1.38 1.50
N ILE A 30 9.09 2.61 1.30
CA ILE A 30 9.91 3.61 0.64
C ILE A 30 10.96 4.14 1.63
N ILE A 31 10.77 3.77 2.88
CA ILE A 31 11.69 4.20 3.93
C ILE A 31 12.92 3.28 3.94
N CYS A 32 12.76 2.16 4.64
CA CYS A 32 13.84 1.19 4.74
C CYS A 32 13.77 0.26 3.51
N GLY A 33 12.60 -0.33 3.34
CA GLY A 33 12.39 -1.24 2.22
C GLY A 33 11.74 -2.55 2.68
N ARG A 34 10.91 -2.42 3.70
CA ARG A 34 10.21 -3.58 4.25
C ARG A 34 8.87 -3.78 3.54
N THR A 35 8.46 -5.03 3.47
CA THR A 35 7.20 -5.37 2.83
C THR A 35 6.02 -4.73 3.57
N VAL A 36 5.24 -3.97 2.83
CA VAL A 36 4.08 -3.30 3.39
C VAL A 36 2.81 -3.92 2.83
N ALA A 37 2.95 -4.54 1.66
CA ALA A 37 1.83 -5.17 1.00
C ALA A 37 2.33 -6.32 0.14
N GLU A 38 1.60 -7.43 0.20
CA GLU A 38 1.96 -8.61 -0.58
C GLU A 38 0.79 -9.03 -1.46
N PRO A 39 1.14 -9.40 -2.73
CA PRO A 39 0.14 -9.83 -3.69
C PRO A 39 -0.36 -11.24 -3.37
N THR A 40 -1.68 -11.38 -3.36
CA THR A 40 -2.29 -12.66 -3.07
C THR A 40 -3.17 -13.11 -4.24
N GLY A 41 -2.60 -13.95 -5.08
CA GLY A 41 -3.31 -14.46 -6.24
C GLY A 41 -3.62 -13.34 -7.23
N GLY A 42 -4.73 -12.66 -6.98
CA GLY A 42 -5.16 -11.57 -7.85
C GLY A 42 -5.96 -10.53 -7.06
N LYS A 43 -5.48 -10.24 -5.86
CA LYS A 43 -6.15 -9.28 -5.00
C LYS A 43 -5.17 -8.80 -3.92
N GLY A 44 -4.17 -8.07 -4.36
CA GLY A 44 -3.16 -7.55 -3.45
C GLY A 44 -3.80 -7.13 -2.12
N ASN A 45 -3.10 -7.46 -1.04
CA ASN A 45 -3.59 -7.13 0.29
C ASN A 45 -2.52 -6.29 1.01
N ILE A 46 -2.99 -5.23 1.65
CA ILE A 46 -2.09 -4.35 2.38
C ILE A 46 -1.82 -4.94 3.76
N LYS A 47 -0.55 -5.21 4.02
CA LYS A 47 -0.15 -5.78 5.29
C LYS A 47 0.29 -4.66 6.23
N ALA A 48 -0.48 -3.57 6.20
CA ALA A 48 -0.18 -2.43 7.04
C ALA A 48 -1.49 -1.78 7.50
N GLU A 49 -1.37 -0.91 8.51
CA GLU A 49 -2.54 -0.23 9.04
C GLU A 49 -3.02 0.84 8.06
N ILE A 50 -4.17 0.57 7.46
CA ILE A 50 -4.75 1.49 6.50
C ILE A 50 -5.40 2.66 7.25
N ILE A 51 -5.28 3.85 6.67
CA ILE A 51 -5.83 5.04 7.27
C ILE A 51 -7.16 5.38 6.58
N GLU A 52 -7.05 5.81 5.33
CA GLU A 52 -8.22 6.17 4.55
C GLU A 52 -7.82 6.49 3.12
N TYR A 53 -8.80 6.93 2.34
CA TYR A 53 -8.57 7.28 0.95
C TYR A 53 -7.76 8.58 0.84
N VAL A 54 -6.89 8.61 -0.16
CA VAL A 54 -6.06 9.78 -0.38
C VAL A 54 -6.75 10.70 -1.40
N ASP A 55 -6.26 11.93 -1.45
CA ASP A 55 -6.82 12.91 -2.37
C ASP A 55 -6.01 12.91 -3.67
N GLN A 56 -4.86 12.27 -3.60
CA GLN A 56 -3.99 12.18 -4.77
C GLN A 56 -4.54 11.17 -5.78
N ILE A 57 -5.37 11.67 -6.68
CA ILE A 57 -5.98 10.83 -7.70
C ILE A 57 -4.97 10.62 -8.83
N GLU A 58 -5.33 9.71 -9.73
CA GLU A 58 -4.48 9.40 -10.87
C GLU A 58 -4.63 10.47 -11.95
N MET A 1 -11.88 5.79 -14.36
CA MET A 1 -10.57 5.47 -13.84
C MET A 1 -10.55 4.07 -13.22
N HIS A 2 -9.59 3.28 -13.66
CA HIS A 2 -9.45 1.92 -13.16
C HIS A 2 -8.48 1.91 -11.97
N SER A 3 -8.91 1.21 -10.92
CA SER A 3 -8.09 1.11 -9.72
C SER A 3 -8.18 2.42 -8.93
N ARG A 4 -8.50 2.27 -7.66
CA ARG A 4 -8.62 3.42 -6.78
C ARG A 4 -7.36 3.56 -5.92
N PHE A 5 -7.27 4.69 -5.23
CA PHE A 5 -6.13 4.98 -4.38
C PHE A 5 -6.46 4.68 -2.91
N VAL A 6 -5.44 4.27 -2.18
CA VAL A 6 -5.61 3.95 -0.77
C VAL A 6 -4.34 4.36 -0.01
N LYS A 7 -4.55 5.14 1.04
CA LYS A 7 -3.43 5.61 1.85
C LYS A 7 -3.22 4.64 3.02
N VAL A 8 -2.02 4.08 3.08
CA VAL A 8 -1.68 3.15 4.13
C VAL A 8 -0.46 3.67 4.90
N LYS A 9 -0.22 3.04 6.04
CA LYS A 9 0.90 3.43 6.88
C LYS A 9 1.64 2.18 7.36
N CYS A 10 2.96 2.27 7.35
CA CYS A 10 3.79 1.15 7.77
C CYS A 10 3.66 1.02 9.29
N PRO A 11 3.41 -0.24 9.73
CA PRO A 11 3.27 -0.52 11.16
C PRO A 11 4.63 -0.51 11.85
N ASP A 12 5.64 -0.98 11.12
CA ASP A 12 6.99 -1.04 11.65
C ASP A 12 7.67 0.31 11.45
N CYS A 13 7.46 0.86 10.26
CA CYS A 13 8.05 2.15 9.92
C CYS A 13 7.24 3.25 10.60
N GLU A 14 5.96 2.97 10.78
CA GLU A 14 5.07 3.92 11.42
C GLU A 14 4.87 5.15 10.53
N HIS A 15 5.39 5.04 9.31
CA HIS A 15 5.27 6.14 8.36
C HIS A 15 4.10 5.89 7.43
N GLU A 16 3.51 6.98 6.95
CA GLU A 16 2.37 6.90 6.05
C GLU A 16 2.85 6.79 4.60
N GLN A 17 2.18 5.93 3.85
CA GLN A 17 2.52 5.73 2.46
C GLN A 17 1.25 5.51 1.62
N VAL A 18 1.36 5.84 0.34
CA VAL A 18 0.24 5.68 -0.56
C VAL A 18 0.58 4.62 -1.62
N ILE A 19 -0.18 3.54 -1.60
CA ILE A 19 0.03 2.46 -2.54
C ILE A 19 -1.29 2.12 -3.23
N PHE A 20 -1.18 1.35 -4.31
CA PHE A 20 -2.36 0.95 -5.06
C PHE A 20 -2.97 -0.33 -4.49
N ASP A 21 -4.28 -0.46 -4.70
CA ASP A 21 -4.99 -1.63 -4.21
C ASP A 21 -4.93 -2.75 -5.27
N HIS A 22 -3.78 -2.83 -5.92
CA HIS A 22 -3.58 -3.83 -6.96
C HIS A 22 -2.20 -3.65 -7.59
N PRO A 23 -1.15 -3.83 -6.74
CA PRO A 23 0.22 -3.69 -7.20
C PRO A 23 0.64 -4.90 -8.04
N SER A 24 0.33 -6.07 -7.52
CA SER A 24 0.66 -7.31 -8.22
C SER A 24 2.06 -7.78 -7.80
N THR A 25 2.95 -6.81 -7.61
CA THR A 25 4.30 -7.11 -7.21
C THR A 25 4.51 -6.77 -5.72
N ILE A 26 5.59 -7.31 -5.18
CA ILE A 26 5.90 -7.08 -3.77
C ILE A 26 6.18 -5.60 -3.56
N VAL A 27 5.64 -5.08 -2.46
CA VAL A 27 5.83 -3.67 -2.12
C VAL A 27 6.78 -3.55 -0.94
N LYS A 28 7.90 -2.88 -1.19
CA LYS A 28 8.90 -2.69 -0.16
C LYS A 28 8.84 -1.24 0.34
N CYS A 29 8.94 -1.09 1.65
CA CYS A 29 8.90 0.23 2.27
C CYS A 29 9.94 1.10 1.58
N ILE A 30 9.55 2.34 1.33
CA ILE A 30 10.43 3.29 0.68
C ILE A 30 11.45 3.82 1.70
N ILE A 31 11.20 3.49 2.95
CA ILE A 31 12.07 3.91 4.03
C ILE A 31 13.30 3.01 4.08
N CYS A 32 13.12 1.86 4.72
CA CYS A 32 14.20 0.90 4.85
C CYS A 32 14.10 -0.09 3.69
N GLY A 33 12.92 -0.65 3.53
CA GLY A 33 12.68 -1.62 2.47
C GLY A 33 11.95 -2.85 2.99
N ARG A 34 11.08 -2.62 3.95
CA ARG A 34 10.32 -3.71 4.55
C ARG A 34 9.01 -3.91 3.78
N THR A 35 8.58 -5.17 3.73
CA THR A 35 7.37 -5.53 3.04
C THR A 35 6.16 -4.85 3.70
N VAL A 36 5.42 -4.10 2.89
CA VAL A 36 4.25 -3.39 3.39
C VAL A 36 3.00 -3.99 2.74
N ALA A 37 3.22 -4.71 1.65
CA ALA A 37 2.13 -5.32 0.92
C ALA A 37 2.66 -6.47 0.07
N GLU A 38 1.92 -7.57 0.08
CA GLU A 38 2.31 -8.75 -0.69
C GLU A 38 1.18 -9.18 -1.62
N PRO A 39 1.57 -9.53 -2.87
CA PRO A 39 0.61 -9.95 -3.87
C PRO A 39 0.12 -11.37 -3.59
N THR A 40 -0.47 -11.54 -2.42
CA THR A 40 -0.97 -12.84 -2.01
C THR A 40 -2.02 -13.34 -3.02
N GLY A 41 -2.60 -12.39 -3.74
CA GLY A 41 -3.61 -12.72 -4.73
C GLY A 41 -4.77 -11.70 -4.69
N GLY A 42 -5.79 -12.00 -5.47
CA GLY A 42 -6.96 -11.14 -5.52
C GLY A 42 -6.61 -9.78 -6.15
N LYS A 43 -5.90 -8.97 -5.38
CA LYS A 43 -5.49 -7.66 -5.84
C LYS A 43 -4.46 -7.07 -4.87
N GLY A 44 -3.56 -7.93 -4.44
CA GLY A 44 -2.52 -7.52 -3.51
C GLY A 44 -3.12 -7.00 -2.21
N ASN A 45 -2.87 -7.73 -1.14
CA ASN A 45 -3.38 -7.35 0.17
C ASN A 45 -2.34 -6.47 0.88
N ILE A 46 -2.85 -5.44 1.54
CA ILE A 46 -1.98 -4.52 2.26
C ILE A 46 -1.69 -5.08 3.65
N LYS A 47 -0.42 -5.37 3.87
CA LYS A 47 0.01 -5.92 5.15
C LYS A 47 0.40 -4.77 6.08
N ALA A 48 -0.40 -3.72 6.04
CA ALA A 48 -0.14 -2.55 6.88
C ALA A 48 -1.47 -1.94 7.32
N GLU A 49 -1.37 -1.07 8.31
CA GLU A 49 -2.57 -0.41 8.83
C GLU A 49 -3.06 0.65 7.85
N ILE A 50 -4.23 0.39 7.28
CA ILE A 50 -4.83 1.32 6.33
C ILE A 50 -5.54 2.43 7.09
N ILE A 51 -5.40 3.65 6.58
CA ILE A 51 -6.03 4.80 7.19
C ILE A 51 -7.35 5.09 6.47
N GLU A 52 -7.25 5.33 5.18
CA GLU A 52 -8.41 5.63 4.38
C GLU A 52 -8.01 5.98 2.94
N TYR A 53 -8.98 6.48 2.19
CA TYR A 53 -8.72 6.85 0.81
C TYR A 53 -7.95 8.16 0.73
N VAL A 54 -7.06 8.24 -0.26
CA VAL A 54 -6.25 9.42 -0.46
C VAL A 54 -6.99 10.40 -1.37
N ASP A 55 -6.40 11.57 -1.53
CA ASP A 55 -6.98 12.60 -2.37
C ASP A 55 -6.25 12.63 -3.71
N GLN A 56 -5.12 11.94 -3.75
CA GLN A 56 -4.32 11.90 -4.96
C GLN A 56 -4.98 10.99 -5.99
N ILE A 57 -5.81 11.59 -6.83
CA ILE A 57 -6.51 10.84 -7.86
C ILE A 57 -5.55 10.56 -9.02
N GLU A 58 -6.02 9.74 -9.95
CA GLU A 58 -5.22 9.38 -11.11
C GLU A 58 -4.99 10.61 -11.99
N MET A 1 -6.74 7.08 -13.45
CA MET A 1 -8.15 6.76 -13.61
C MET A 1 -8.42 5.29 -13.30
N HIS A 2 -7.50 4.44 -13.76
CA HIS A 2 -7.63 3.02 -13.55
C HIS A 2 -7.25 2.67 -12.11
N SER A 3 -8.01 1.75 -11.53
CA SER A 3 -7.77 1.33 -10.16
C SER A 3 -8.00 2.51 -9.21
N ARG A 4 -8.28 2.16 -7.95
CA ARG A 4 -8.52 3.17 -6.93
C ARG A 4 -7.24 3.41 -6.12
N PHE A 5 -7.30 4.46 -5.31
CA PHE A 5 -6.17 4.81 -4.47
C PHE A 5 -6.48 4.59 -2.99
N VAL A 6 -5.46 4.16 -2.26
CA VAL A 6 -5.61 3.90 -0.84
C VAL A 6 -4.32 4.28 -0.12
N LYS A 7 -4.47 5.13 0.89
CA LYS A 7 -3.32 5.57 1.67
C LYS A 7 -3.15 4.65 2.88
N VAL A 8 -1.97 4.06 2.97
CA VAL A 8 -1.66 3.16 4.06
C VAL A 8 -0.44 3.69 4.82
N LYS A 9 -0.22 3.12 6.00
CA LYS A 9 0.90 3.52 6.83
C LYS A 9 1.65 2.27 7.32
N CYS A 10 2.96 2.35 7.27
CA CYS A 10 3.79 1.24 7.71
C CYS A 10 3.70 1.14 9.24
N PRO A 11 3.41 -0.10 9.71
CA PRO A 11 3.28 -0.34 11.14
C PRO A 11 4.66 -0.38 11.80
N ASP A 12 5.62 -0.92 11.08
CA ASP A 12 6.98 -1.03 11.59
C ASP A 12 7.71 0.30 11.35
N CYS A 13 7.51 0.85 10.15
CA CYS A 13 8.14 2.10 9.78
C CYS A 13 7.40 3.24 10.49
N GLU A 14 6.08 3.10 10.56
CA GLU A 14 5.25 4.10 11.21
C GLU A 14 5.06 5.31 10.29
N HIS A 15 5.54 5.16 9.06
CA HIS A 15 5.42 6.22 8.08
C HIS A 15 4.21 5.96 7.18
N GLU A 16 3.64 7.04 6.68
CA GLU A 16 2.48 6.93 5.80
C GLU A 16 2.93 6.77 4.36
N GLN A 17 2.24 5.89 3.65
CA GLN A 17 2.55 5.63 2.25
C GLN A 17 1.27 5.40 1.46
N VAL A 18 1.37 5.66 0.16
CA VAL A 18 0.22 5.49 -0.73
C VAL A 18 0.51 4.36 -1.71
N ILE A 19 -0.27 3.29 -1.59
CA ILE A 19 -0.12 2.13 -2.46
C ILE A 19 -1.49 1.67 -2.93
N PHE A 20 -1.47 0.83 -3.95
CA PHE A 20 -2.71 0.30 -4.50
C PHE A 20 -3.30 -0.79 -3.59
N ASP A 21 -4.62 -0.90 -3.64
CA ASP A 21 -5.31 -1.89 -2.83
C ASP A 21 -5.34 -3.22 -3.58
N HIS A 22 -4.72 -3.22 -4.75
CA HIS A 22 -4.66 -4.42 -5.57
C HIS A 22 -3.48 -4.32 -6.54
N PRO A 23 -2.25 -4.27 -5.94
CA PRO A 23 -1.04 -4.18 -6.75
C PRO A 23 -0.71 -5.52 -7.40
N SER A 24 0.28 -5.48 -8.27
CA SER A 24 0.71 -6.68 -8.97
C SER A 24 2.12 -7.07 -8.54
N THR A 25 2.91 -6.06 -8.20
CA THR A 25 4.27 -6.28 -7.77
C THR A 25 4.38 -6.09 -6.25
N ILE A 26 5.47 -6.62 -5.70
CA ILE A 26 5.71 -6.51 -4.27
C ILE A 26 5.88 -5.03 -3.89
N VAL A 27 5.30 -4.68 -2.76
CA VAL A 27 5.38 -3.31 -2.27
C VAL A 27 6.39 -3.23 -1.13
N LYS A 28 7.48 -2.54 -1.38
CA LYS A 28 8.52 -2.38 -0.39
C LYS A 28 8.49 -0.95 0.16
N CYS A 29 8.66 -0.84 1.46
CA CYS A 29 8.66 0.45 2.12
C CYS A 29 9.73 1.32 1.47
N ILE A 30 9.29 2.46 0.94
CA ILE A 30 10.19 3.38 0.29
C ILE A 30 11.16 3.96 1.34
N ILE A 31 10.85 3.71 2.59
CA ILE A 31 11.67 4.20 3.69
C ILE A 31 12.93 3.33 3.80
N CYS A 32 12.75 2.17 4.41
CA CYS A 32 13.85 1.24 4.60
C CYS A 32 13.81 0.22 3.46
N GLY A 33 12.64 -0.37 3.27
CA GLY A 33 12.46 -1.36 2.23
C GLY A 33 11.77 -2.61 2.78
N ARG A 34 10.91 -2.40 3.76
CA ARG A 34 10.17 -3.49 4.37
C ARG A 34 8.86 -3.73 3.64
N THR A 35 8.46 -5.00 3.59
CA THR A 35 7.23 -5.37 2.92
C THR A 35 6.03 -4.71 3.61
N VAL A 36 5.25 -3.99 2.82
CA VAL A 36 4.08 -3.31 3.34
C VAL A 36 2.82 -3.96 2.76
N ALA A 37 3.02 -4.66 1.64
CA ALA A 37 1.91 -5.34 0.98
C ALA A 37 2.46 -6.42 0.06
N GLU A 38 1.78 -7.55 0.07
CA GLU A 38 2.18 -8.68 -0.76
C GLU A 38 1.02 -9.13 -1.66
N PRO A 39 1.37 -9.39 -2.94
CA PRO A 39 0.37 -9.82 -3.90
C PRO A 39 -0.02 -11.28 -3.68
N THR A 40 -1.24 -11.47 -3.22
CA THR A 40 -1.75 -12.81 -2.95
C THR A 40 -2.38 -13.40 -4.21
N GLY A 41 -2.49 -14.73 -4.21
CA GLY A 41 -3.07 -15.43 -5.35
C GLY A 41 -4.23 -14.63 -5.95
N GLY A 42 -5.19 -14.32 -5.09
CA GLY A 42 -6.36 -13.56 -5.51
C GLY A 42 -6.01 -12.09 -5.77
N LYS A 43 -6.21 -11.29 -4.75
CA LYS A 43 -5.91 -9.87 -4.84
C LYS A 43 -4.91 -9.48 -3.76
N GLY A 44 -4.05 -8.53 -4.11
CA GLY A 44 -3.03 -8.06 -3.17
C GLY A 44 -3.65 -7.75 -1.80
N ASN A 45 -2.86 -7.99 -0.76
CA ASN A 45 -3.31 -7.74 0.59
C ASN A 45 -2.36 -6.75 1.26
N ILE A 46 -2.96 -5.73 1.88
CA ILE A 46 -2.19 -4.70 2.56
C ILE A 46 -1.81 -5.20 3.95
N LYS A 47 -0.51 -5.43 4.13
CA LYS A 47 -0.02 -5.90 5.41
C LYS A 47 0.39 -4.70 6.28
N ALA A 48 -0.42 -3.65 6.19
CA ALA A 48 -0.16 -2.45 6.95
C ALA A 48 -1.50 -1.82 7.37
N GLU A 49 -1.42 -0.94 8.35
CA GLU A 49 -2.60 -0.26 8.85
C GLU A 49 -3.07 0.80 7.86
N ILE A 50 -4.28 0.61 7.35
CA ILE A 50 -4.85 1.53 6.39
C ILE A 50 -5.46 2.72 7.14
N ILE A 51 -5.28 3.89 6.56
CA ILE A 51 -5.80 5.12 7.15
C ILE A 51 -7.15 5.47 6.50
N GLU A 52 -7.13 5.48 5.18
CA GLU A 52 -8.34 5.80 4.42
C GLU A 52 -7.98 6.11 2.97
N TYR A 53 -8.98 6.60 2.24
CA TYR A 53 -8.78 6.94 0.84
C TYR A 53 -7.93 8.21 0.70
N VAL A 54 -7.06 8.18 -0.30
CA VAL A 54 -6.18 9.32 -0.56
C VAL A 54 -6.97 10.41 -1.30
N ASP A 55 -6.37 11.58 -1.38
CA ASP A 55 -6.99 12.71 -2.05
C ASP A 55 -6.44 12.81 -3.47
N GLN A 56 -5.35 13.54 -3.59
CA GLN A 56 -4.71 13.73 -4.88
C GLN A 56 -4.82 12.45 -5.73
N ILE A 57 -5.84 12.44 -6.58
CA ILE A 57 -6.06 11.29 -7.44
C ILE A 57 -5.02 11.28 -8.56
N GLU A 58 -5.01 10.18 -9.30
CA GLU A 58 -4.07 10.03 -10.40
C GLU A 58 -4.43 10.97 -11.54
N MET A 1 -9.43 -1.39 -16.06
CA MET A 1 -10.36 -0.77 -15.14
C MET A 1 -9.71 0.40 -14.41
N HIS A 2 -10.54 1.14 -13.69
CA HIS A 2 -10.05 2.29 -12.94
C HIS A 2 -9.61 1.85 -11.54
N SER A 3 -8.46 2.37 -11.13
CA SER A 3 -7.91 2.04 -9.83
C SER A 3 -8.01 3.24 -8.90
N ARG A 4 -8.30 2.97 -7.64
CA ARG A 4 -8.42 4.02 -6.64
C ARG A 4 -7.14 4.12 -5.81
N PHE A 5 -7.07 5.17 -5.02
CA PHE A 5 -5.91 5.40 -4.17
C PHE A 5 -6.25 5.19 -2.70
N VAL A 6 -5.26 4.68 -1.97
CA VAL A 6 -5.46 4.42 -0.55
C VAL A 6 -4.15 4.72 0.19
N LYS A 7 -4.28 5.52 1.25
CA LYS A 7 -3.12 5.89 2.05
C LYS A 7 -2.96 4.89 3.20
N VAL A 8 -1.80 4.25 3.21
CA VAL A 8 -1.51 3.27 4.24
C VAL A 8 -0.33 3.76 5.08
N LYS A 9 -0.13 3.09 6.21
CA LYS A 9 0.96 3.45 7.11
C LYS A 9 1.68 2.17 7.56
N CYS A 10 3.00 2.24 7.50
CA CYS A 10 3.82 1.10 7.91
C CYS A 10 3.73 0.96 9.43
N PRO A 11 3.40 -0.30 9.87
CA PRO A 11 3.28 -0.58 11.28
C PRO A 11 4.65 -0.66 11.95
N ASP A 12 5.61 -1.20 11.19
CA ASP A 12 6.96 -1.34 11.69
C ASP A 12 7.72 -0.03 11.48
N CYS A 13 7.54 0.54 10.30
CA CYS A 13 8.20 1.79 9.97
C CYS A 13 7.46 2.92 10.68
N GLU A 14 6.18 2.71 10.91
CA GLU A 14 5.35 3.70 11.57
C GLU A 14 5.20 4.95 10.69
N HIS A 15 5.69 4.83 9.46
CA HIS A 15 5.62 5.92 8.52
C HIS A 15 4.41 5.74 7.60
N GLU A 16 3.89 6.85 7.12
CA GLU A 16 2.73 6.83 6.24
C GLU A 16 3.18 6.67 4.78
N GLN A 17 2.45 5.84 4.05
CA GLN A 17 2.77 5.59 2.66
C GLN A 17 1.47 5.50 1.83
N VAL A 18 1.62 5.69 0.53
CA VAL A 18 0.49 5.64 -0.36
C VAL A 18 0.75 4.57 -1.43
N ILE A 19 -0.08 3.53 -1.39
CA ILE A 19 0.03 2.43 -2.33
C ILE A 19 -1.35 2.03 -2.82
N PHE A 20 -1.38 1.23 -3.88
CA PHE A 20 -2.62 0.77 -4.45
C PHE A 20 -3.25 -0.32 -3.57
N ASP A 21 -4.58 -0.40 -3.62
CA ASP A 21 -5.30 -1.38 -2.85
C ASP A 21 -5.36 -2.70 -3.63
N HIS A 22 -4.62 -2.74 -4.73
CA HIS A 22 -4.59 -3.92 -5.56
C HIS A 22 -3.36 -3.86 -6.49
N PRO A 23 -2.16 -3.87 -5.85
CA PRO A 23 -0.92 -3.82 -6.60
C PRO A 23 -0.62 -5.17 -7.26
N SER A 24 0.37 -5.14 -8.14
CA SER A 24 0.76 -6.36 -8.85
C SER A 24 2.17 -6.77 -8.42
N THR A 25 2.98 -5.77 -8.08
CA THR A 25 4.34 -6.02 -7.66
C THR A 25 4.47 -5.85 -6.14
N ILE A 26 5.55 -6.40 -5.61
CA ILE A 26 5.80 -6.31 -4.18
C ILE A 26 6.01 -4.85 -3.79
N VAL A 27 5.44 -4.49 -2.65
CA VAL A 27 5.56 -3.12 -2.16
C VAL A 27 6.54 -3.10 -0.98
N LYS A 28 7.66 -2.44 -1.20
CA LYS A 28 8.68 -2.33 -0.16
C LYS A 28 8.68 -0.91 0.39
N CYS A 29 8.75 -0.83 1.71
CA CYS A 29 8.76 0.47 2.38
C CYS A 29 9.86 1.32 1.75
N ILE A 30 9.45 2.48 1.25
CA ILE A 30 10.39 3.39 0.62
C ILE A 30 11.38 3.90 1.66
N ILE A 31 11.06 3.63 2.92
CA ILE A 31 11.90 4.05 4.02
C ILE A 31 13.11 3.11 4.13
N CYS A 32 12.86 1.96 4.75
CA CYS A 32 13.91 0.97 4.92
C CYS A 32 13.87 0.01 3.74
N GLY A 33 12.68 -0.53 3.50
CA GLY A 33 12.49 -1.46 2.40
C GLY A 33 11.75 -2.72 2.87
N ARG A 34 10.87 -2.52 3.84
CA ARG A 34 10.09 -3.63 4.39
C ARG A 34 8.79 -3.79 3.60
N THR A 35 8.36 -5.04 3.51
CA THR A 35 7.12 -5.34 2.79
C THR A 35 5.92 -4.72 3.50
N VAL A 36 5.19 -3.92 2.74
CA VAL A 36 4.01 -3.25 3.29
C VAL A 36 2.75 -3.79 2.60
N ALA A 37 2.98 -4.51 1.51
CA ALA A 37 1.89 -5.09 0.75
C ALA A 37 2.43 -6.17 -0.18
N GLU A 38 1.69 -7.28 -0.24
CA GLU A 38 2.09 -8.40 -1.08
C GLU A 38 0.97 -8.72 -2.07
N PRO A 39 1.40 -9.00 -3.33
CA PRO A 39 0.45 -9.34 -4.38
C PRO A 39 -0.09 -10.77 -4.22
N THR A 40 -1.02 -10.90 -3.27
CA THR A 40 -1.61 -12.19 -3.00
C THR A 40 -2.27 -12.76 -4.27
N GLY A 41 -2.56 -14.05 -4.20
CA GLY A 41 -3.19 -14.73 -5.33
C GLY A 41 -4.25 -13.83 -5.98
N GLY A 42 -5.45 -13.91 -5.43
CA GLY A 42 -6.56 -13.11 -5.95
C GLY A 42 -6.11 -11.70 -6.31
N LYS A 43 -6.13 -10.83 -5.31
CA LYS A 43 -5.73 -9.45 -5.51
C LYS A 43 -4.82 -9.01 -4.35
N GLY A 44 -3.81 -8.23 -4.70
CA GLY A 44 -2.87 -7.74 -3.72
C GLY A 44 -3.59 -7.32 -2.43
N ASN A 45 -2.93 -7.55 -1.31
CA ASN A 45 -3.49 -7.21 -0.02
C ASN A 45 -2.51 -6.31 0.73
N ILE A 46 -3.07 -5.35 1.45
CA ILE A 46 -2.26 -4.41 2.22
C ILE A 46 -1.92 -5.05 3.58
N LYS A 47 -0.63 -5.27 3.79
CA LYS A 47 -0.16 -5.86 5.02
C LYS A 47 0.19 -4.74 6.02
N ALA A 48 -0.60 -3.68 5.96
CA ALA A 48 -0.40 -2.55 6.85
C ALA A 48 -1.75 -1.93 7.21
N GLU A 49 -1.74 -1.10 8.24
CA GLU A 49 -2.95 -0.44 8.68
C GLU A 49 -3.34 0.67 7.71
N ILE A 50 -4.55 0.56 7.19
CA ILE A 50 -5.05 1.54 6.24
C ILE A 50 -5.61 2.74 7.02
N ILE A 51 -5.32 3.92 6.49
CA ILE A 51 -5.78 5.15 7.12
C ILE A 51 -7.09 5.59 6.47
N GLU A 52 -7.02 5.85 5.17
CA GLU A 52 -8.19 6.28 4.43
C GLU A 52 -7.81 6.58 2.97
N TYR A 53 -8.73 7.20 2.26
CA TYR A 53 -8.51 7.55 0.88
C TYR A 53 -7.62 8.78 0.75
N VAL A 54 -6.66 8.69 -0.16
CA VAL A 54 -5.74 9.79 -0.38
C VAL A 54 -6.40 10.84 -1.28
N ASP A 55 -5.71 11.95 -1.45
CA ASP A 55 -6.22 13.03 -2.29
C ASP A 55 -5.47 13.04 -3.62
N GLN A 56 -4.39 12.28 -3.66
CA GLN A 56 -3.58 12.18 -4.86
C GLN A 56 -4.28 11.31 -5.91
N ILE A 57 -5.07 11.98 -6.74
CA ILE A 57 -5.80 11.28 -7.79
C ILE A 57 -4.92 11.16 -9.03
N GLU A 58 -5.36 10.32 -9.95
CA GLU A 58 -4.62 10.10 -11.18
C GLU A 58 -4.82 11.28 -12.14
N MET A 1 -13.91 -0.33 -9.64
CA MET A 1 -13.73 -0.72 -11.03
C MET A 1 -12.30 -0.44 -11.50
N HIS A 2 -11.92 0.82 -11.37
CA HIS A 2 -10.58 1.23 -11.78
C HIS A 2 -9.70 1.42 -10.53
N SER A 3 -8.46 0.98 -10.66
CA SER A 3 -7.51 1.09 -9.55
C SER A 3 -7.60 2.49 -8.93
N ARG A 4 -7.92 2.51 -7.65
CA ARG A 4 -8.04 3.76 -6.93
C ARG A 4 -6.81 3.96 -6.02
N PHE A 5 -6.73 5.16 -5.47
CA PHE A 5 -5.62 5.50 -4.58
C PHE A 5 -6.01 5.26 -3.12
N VAL A 6 -5.03 4.79 -2.35
CA VAL A 6 -5.25 4.51 -0.94
C VAL A 6 -3.98 4.84 -0.16
N LYS A 7 -4.16 5.60 0.92
CA LYS A 7 -3.04 5.99 1.76
C LYS A 7 -2.94 5.02 2.94
N VAL A 8 -1.79 4.36 3.04
CA VAL A 8 -1.54 3.42 4.10
C VAL A 8 -0.33 3.87 4.92
N LYS A 9 -0.16 3.25 6.08
CA LYS A 9 0.94 3.57 6.96
C LYS A 9 1.58 2.28 7.45
N CYS A 10 2.92 2.27 7.47
CA CYS A 10 3.66 1.11 7.92
C CYS A 10 3.50 1.01 9.44
N PRO A 11 3.14 -0.23 9.88
CA PRO A 11 2.95 -0.48 11.31
C PRO A 11 4.29 -0.57 12.03
N ASP A 12 5.27 -1.12 11.33
CA ASP A 12 6.60 -1.27 11.90
C ASP A 12 7.40 0.02 11.66
N CYS A 13 7.28 0.53 10.44
CA CYS A 13 7.98 1.75 10.07
C CYS A 13 7.26 2.94 10.72
N GLU A 14 5.96 2.77 10.92
CA GLU A 14 5.15 3.80 11.52
C GLU A 14 5.07 5.03 10.60
N HIS A 15 5.59 4.86 9.39
CA HIS A 15 5.58 5.92 8.42
C HIS A 15 4.40 5.76 7.46
N GLU A 16 3.93 6.87 6.94
CA GLU A 16 2.81 6.87 6.02
C GLU A 16 3.30 6.66 4.59
N GLN A 17 2.57 5.83 3.86
CA GLN A 17 2.91 5.54 2.48
C GLN A 17 1.65 5.34 1.64
N VAL A 18 1.73 5.75 0.39
CA VAL A 18 0.61 5.60 -0.52
C VAL A 18 0.91 4.52 -1.55
N ILE A 19 0.08 3.50 -1.56
CA ILE A 19 0.25 2.39 -2.48
C ILE A 19 -1.08 2.10 -3.18
N PHE A 20 -1.01 1.31 -4.24
CA PHE A 20 -2.19 0.95 -4.99
C PHE A 20 -3.00 -0.13 -4.26
N ASP A 21 -4.31 -0.12 -4.51
CA ASP A 21 -5.19 -1.07 -3.88
C ASP A 21 -5.25 -2.34 -4.74
N HIS A 22 -4.42 -2.36 -5.77
CA HIS A 22 -4.36 -3.50 -6.68
C HIS A 22 -3.02 -3.50 -7.41
N PRO A 23 -1.93 -3.64 -6.62
CA PRO A 23 -0.59 -3.65 -7.18
C PRO A 23 -0.30 -5.00 -7.87
N SER A 24 0.80 -5.03 -8.59
CA SER A 24 1.20 -6.24 -9.29
C SER A 24 2.51 -6.78 -8.71
N THR A 25 3.34 -5.86 -8.24
CA THR A 25 4.61 -6.24 -7.65
C THR A 25 4.56 -6.08 -6.13
N ILE A 26 5.51 -6.73 -5.47
CA ILE A 26 5.59 -6.66 -4.01
C ILE A 26 5.86 -5.23 -3.58
N VAL A 27 5.19 -4.82 -2.51
CA VAL A 27 5.35 -3.48 -1.99
C VAL A 27 6.32 -3.51 -0.81
N LYS A 28 7.47 -2.88 -1.00
CA LYS A 28 8.49 -2.83 0.03
C LYS A 28 8.59 -1.41 0.58
N CYS A 29 8.72 -1.32 1.89
CA CYS A 29 8.81 -0.03 2.54
C CYS A 29 9.99 0.74 1.93
N ILE A 30 9.67 1.91 1.40
CA ILE A 30 10.69 2.75 0.77
C ILE A 30 11.67 3.23 1.84
N ILE A 31 11.31 3.00 3.10
CA ILE A 31 12.14 3.40 4.21
C ILE A 31 13.31 2.43 4.35
N CYS A 32 13.01 1.29 4.96
CA CYS A 32 14.02 0.27 5.17
C CYS A 32 13.90 -0.76 4.03
N GLY A 33 12.68 -1.23 3.82
CA GLY A 33 12.43 -2.20 2.77
C GLY A 33 11.60 -3.37 3.31
N ARG A 34 10.74 -3.06 4.27
CA ARG A 34 9.89 -4.08 4.87
C ARG A 34 8.58 -4.19 4.10
N THR A 35 8.06 -5.42 4.06
CA THR A 35 6.82 -5.69 3.36
C THR A 35 5.67 -4.91 4.01
N VAL A 36 4.99 -4.13 3.18
CA VAL A 36 3.86 -3.34 3.65
C VAL A 36 2.58 -3.87 3.03
N ALA A 37 2.72 -4.42 1.84
CA ALA A 37 1.57 -4.97 1.13
C ALA A 37 2.05 -5.95 0.06
N GLU A 38 1.33 -7.06 -0.05
CA GLU A 38 1.68 -8.09 -1.02
C GLU A 38 0.49 -8.38 -1.93
N PRO A 39 0.79 -8.54 -3.25
CA PRO A 39 -0.24 -8.83 -4.22
C PRO A 39 -0.71 -10.29 -4.12
N THR A 40 0.08 -11.08 -3.42
CA THR A 40 -0.23 -12.48 -3.23
C THR A 40 -0.81 -13.07 -4.51
N GLY A 41 -0.08 -12.84 -5.60
CA GLY A 41 -0.51 -13.34 -6.91
C GLY A 41 -2.01 -13.15 -7.10
N GLY A 42 -2.37 -12.00 -7.63
CA GLY A 42 -3.76 -11.68 -7.88
C GLY A 42 -4.22 -10.49 -7.04
N LYS A 43 -5.32 -10.67 -6.34
CA LYS A 43 -5.87 -9.61 -5.51
C LYS A 43 -4.76 -9.08 -4.59
N GLY A 44 -4.79 -7.76 -4.40
CA GLY A 44 -3.80 -7.11 -3.57
C GLY A 44 -4.35 -6.88 -2.15
N ASN A 45 -3.53 -7.24 -1.18
CA ASN A 45 -3.92 -7.09 0.22
C ASN A 45 -2.87 -6.24 0.94
N ILE A 46 -3.35 -5.20 1.62
CA ILE A 46 -2.47 -4.32 2.35
C ILE A 46 -2.22 -4.90 3.74
N LYS A 47 -0.96 -5.18 4.02
CA LYS A 47 -0.57 -5.73 5.31
C LYS A 47 -0.13 -4.59 6.24
N ALA A 48 -0.84 -3.48 6.15
CA ALA A 48 -0.53 -2.32 6.96
C ALA A 48 -1.84 -1.61 7.34
N GLU A 49 -1.72 -0.74 8.33
CA GLU A 49 -2.88 0.02 8.80
C GLU A 49 -3.24 1.11 7.79
N ILE A 50 -4.39 0.92 7.15
CA ILE A 50 -4.86 1.88 6.17
C ILE A 50 -5.53 3.06 6.88
N ILE A 51 -5.19 4.26 6.42
CA ILE A 51 -5.76 5.46 7.01
C ILE A 51 -7.07 5.80 6.29
N GLU A 52 -6.97 5.98 4.98
CA GLU A 52 -8.13 6.30 4.17
C GLU A 52 -7.70 6.65 2.74
N TYR A 53 -8.64 7.19 1.99
CA TYR A 53 -8.38 7.56 0.61
C TYR A 53 -7.56 8.85 0.55
N VAL A 54 -6.66 8.90 -0.43
CA VAL A 54 -5.81 10.06 -0.61
C VAL A 54 -6.50 11.04 -1.56
N ASP A 55 -5.92 12.23 -1.66
CA ASP A 55 -6.47 13.27 -2.52
C ASP A 55 -5.74 13.24 -3.86
N GLN A 56 -4.64 12.49 -3.90
CA GLN A 56 -3.86 12.38 -5.11
C GLN A 56 -4.56 11.46 -6.12
N ILE A 57 -5.35 12.08 -6.98
CA ILE A 57 -6.08 11.33 -7.99
C ILE A 57 -5.11 10.85 -9.07
N GLU A 58 -5.59 9.93 -9.89
CA GLU A 58 -4.78 9.39 -10.97
C GLU A 58 -4.79 10.33 -12.17
N MET A 1 -13.69 2.32 -12.06
CA MET A 1 -13.29 1.06 -12.64
C MET A 1 -11.80 0.80 -12.42
N HIS A 2 -11.01 1.86 -12.64
CA HIS A 2 -9.57 1.76 -12.47
C HIS A 2 -9.23 1.81 -10.98
N SER A 3 -8.27 1.00 -10.60
CA SER A 3 -7.83 0.94 -9.21
C SER A 3 -7.80 2.35 -8.62
N ARG A 4 -8.26 2.46 -7.38
CA ARG A 4 -8.30 3.73 -6.70
C ARG A 4 -7.05 3.89 -5.81
N PHE A 5 -6.88 5.10 -5.30
CA PHE A 5 -5.75 5.40 -4.44
C PHE A 5 -6.13 5.23 -2.97
N VAL A 6 -5.17 4.72 -2.20
CA VAL A 6 -5.39 4.50 -0.78
C VAL A 6 -4.09 4.78 -0.02
N LYS A 7 -4.20 5.62 0.99
CA LYS A 7 -3.04 5.98 1.81
C LYS A 7 -2.94 5.02 3.00
N VAL A 8 -1.82 4.32 3.06
CA VAL A 8 -1.59 3.37 4.14
C VAL A 8 -0.37 3.82 4.94
N LYS A 9 -0.20 3.19 6.10
CA LYS A 9 0.92 3.50 6.96
C LYS A 9 1.55 2.20 7.45
N CYS A 10 2.88 2.19 7.47
CA CYS A 10 3.62 1.02 7.91
C CYS A 10 3.46 0.90 9.42
N PRO A 11 3.11 -0.34 9.87
CA PRO A 11 2.93 -0.60 11.28
C PRO A 11 4.28 -0.69 12.00
N ASP A 12 5.26 -1.24 11.30
CA ASP A 12 6.59 -1.39 11.86
C ASP A 12 7.39 -0.10 11.62
N CYS A 13 7.25 0.42 10.40
CA CYS A 13 7.95 1.64 10.04
C CYS A 13 7.23 2.82 10.70
N GLU A 14 5.94 2.65 10.90
CA GLU A 14 5.13 3.69 11.52
C GLU A 14 5.06 4.91 10.61
N HIS A 15 5.56 4.74 9.40
CA HIS A 15 5.56 5.83 8.43
C HIS A 15 4.36 5.68 7.49
N GLU A 16 3.89 6.81 7.00
CA GLU A 16 2.75 6.81 6.09
C GLU A 16 3.23 6.66 4.64
N GLN A 17 2.50 5.85 3.90
CA GLN A 17 2.82 5.60 2.51
C GLN A 17 1.55 5.47 1.67
N VAL A 18 1.71 5.70 0.38
CA VAL A 18 0.58 5.61 -0.54
C VAL A 18 0.83 4.50 -1.55
N ILE A 19 -0.03 3.48 -1.49
CA ILE A 19 0.09 2.34 -2.39
C ILE A 19 -1.29 1.99 -2.93
N PHE A 20 -1.29 1.16 -3.97
CA PHE A 20 -2.53 0.73 -4.58
C PHE A 20 -3.25 -0.31 -3.73
N ASP A 21 -4.57 -0.32 -3.84
CA ASP A 21 -5.37 -1.26 -3.09
C ASP A 21 -5.49 -2.57 -3.85
N HIS A 22 -4.68 -2.67 -4.91
CA HIS A 22 -4.68 -3.88 -5.74
C HIS A 22 -3.47 -3.86 -6.67
N PRO A 23 -2.27 -3.89 -6.04
CA PRO A 23 -1.03 -3.88 -6.80
C PRO A 23 -0.77 -5.24 -7.45
N SER A 24 0.25 -5.27 -8.29
CA SER A 24 0.62 -6.50 -8.98
C SER A 24 1.99 -6.98 -8.50
N THR A 25 2.84 -6.02 -8.17
CA THR A 25 4.18 -6.33 -7.70
C THR A 25 4.28 -6.11 -6.19
N ILE A 26 5.31 -6.70 -5.60
CA ILE A 26 5.53 -6.57 -4.18
C ILE A 26 5.82 -5.11 -3.83
N VAL A 27 5.25 -4.68 -2.72
CA VAL A 27 5.44 -3.30 -2.27
C VAL A 27 6.34 -3.29 -1.04
N LYS A 28 7.52 -2.71 -1.22
CA LYS A 28 8.49 -2.63 -0.14
C LYS A 28 8.50 -1.22 0.42
N CYS A 29 8.61 -1.13 1.74
CA CYS A 29 8.63 0.16 2.41
C CYS A 29 9.74 1.00 1.80
N ILE A 30 9.35 2.15 1.29
CA ILE A 30 10.30 3.06 0.67
C ILE A 30 11.27 3.58 1.73
N ILE A 31 10.93 3.30 2.99
CA ILE A 31 11.76 3.73 4.10
C ILE A 31 12.98 2.81 4.19
N CYS A 32 12.75 1.63 4.74
CA CYS A 32 13.83 0.66 4.89
C CYS A 32 13.75 -0.34 3.73
N GLY A 33 12.54 -0.85 3.52
CA GLY A 33 12.31 -1.81 2.46
C GLY A 33 11.57 -3.05 2.98
N ARG A 34 10.72 -2.81 3.97
CA ARG A 34 9.95 -3.89 4.56
C ARG A 34 8.62 -4.06 3.81
N THR A 35 8.18 -5.30 3.72
CA THR A 35 6.93 -5.61 3.04
C THR A 35 5.76 -4.91 3.74
N VAL A 36 5.03 -4.15 2.94
CA VAL A 36 3.88 -3.42 3.46
C VAL A 36 2.60 -3.99 2.84
N ALA A 37 2.72 -4.44 1.60
CA ALA A 37 1.59 -5.01 0.89
C ALA A 37 2.08 -6.16 0.00
N GLU A 38 1.30 -7.22 -0.04
CA GLU A 38 1.64 -8.37 -0.84
C GLU A 38 0.55 -8.62 -1.89
N PRO A 39 1.01 -8.96 -3.12
CA PRO A 39 0.10 -9.22 -4.22
C PRO A 39 -0.57 -10.58 -4.06
N THR A 40 0.01 -11.39 -3.19
CA THR A 40 -0.53 -12.73 -2.93
C THR A 40 -1.00 -13.37 -4.23
N GLY A 41 -0.15 -13.27 -5.25
CA GLY A 41 -0.46 -13.83 -6.55
C GLY A 41 -1.82 -13.32 -7.05
N GLY A 42 -1.81 -12.07 -7.50
CA GLY A 42 -3.03 -11.45 -8.00
C GLY A 42 -3.58 -10.42 -7.02
N LYS A 43 -4.79 -10.68 -6.55
CA LYS A 43 -5.43 -9.79 -5.60
C LYS A 43 -4.46 -9.49 -4.45
N GLY A 44 -3.97 -8.26 -4.44
CA GLY A 44 -3.04 -7.84 -3.40
C GLY A 44 -3.79 -7.43 -2.13
N ASN A 45 -3.14 -7.67 -1.00
CA ASN A 45 -3.73 -7.33 0.29
C ASN A 45 -2.79 -6.39 1.05
N ILE A 46 -3.38 -5.40 1.68
CA ILE A 46 -2.61 -4.43 2.44
C ILE A 46 -2.30 -5.01 3.82
N LYS A 47 -1.02 -5.23 4.06
CA LYS A 47 -0.57 -5.76 5.34
C LYS A 47 -0.11 -4.63 6.25
N ALA A 48 -0.83 -3.51 6.17
CA ALA A 48 -0.51 -2.34 6.97
C ALA A 48 -1.80 -1.63 7.37
N GLU A 49 -1.68 -0.78 8.37
CA GLU A 49 -2.83 -0.02 8.85
C GLU A 49 -3.18 1.09 7.86
N ILE A 50 -4.42 1.03 7.37
CA ILE A 50 -4.90 2.01 6.42
C ILE A 50 -5.45 3.22 7.19
N ILE A 51 -5.26 4.39 6.59
CA ILE A 51 -5.73 5.63 7.19
C ILE A 51 -7.03 6.06 6.51
N GLU A 52 -6.90 6.46 5.25
CA GLU A 52 -8.05 6.90 4.48
C GLU A 52 -7.67 7.05 3.00
N TYR A 53 -8.57 7.69 2.26
CA TYR A 53 -8.34 7.90 0.84
C TYR A 53 -7.39 9.08 0.61
N VAL A 54 -6.50 8.89 -0.36
CA VAL A 54 -5.53 9.92 -0.68
C VAL A 54 -6.21 10.98 -1.56
N ASP A 55 -5.46 12.04 -1.84
CA ASP A 55 -5.97 13.12 -2.66
C ASP A 55 -5.32 13.04 -4.05
N GLN A 56 -4.24 12.27 -4.13
CA GLN A 56 -3.53 12.11 -5.38
C GLN A 56 -4.30 11.17 -6.31
N ILE A 57 -5.16 11.77 -7.12
CA ILE A 57 -5.97 11.01 -8.06
C ILE A 57 -5.08 10.54 -9.22
N GLU A 58 -5.66 9.66 -10.03
CA GLU A 58 -4.93 9.13 -11.18
C GLU A 58 -4.64 10.24 -12.20
N MET A 1 -10.79 4.22 -15.69
CA MET A 1 -11.22 3.12 -14.85
C MET A 1 -10.03 2.49 -14.13
N HIS A 2 -9.14 3.36 -13.66
CA HIS A 2 -7.95 2.91 -12.94
C HIS A 2 -8.30 2.69 -11.47
N SER A 3 -7.74 1.63 -10.91
CA SER A 3 -7.98 1.30 -9.52
C SER A 3 -7.98 2.58 -8.67
N ARG A 4 -8.59 2.47 -7.50
CA ARG A 4 -8.66 3.60 -6.59
C ARG A 4 -7.37 3.71 -5.77
N PHE A 5 -7.26 4.83 -5.07
CA PHE A 5 -6.08 5.07 -4.24
C PHE A 5 -6.39 4.83 -2.77
N VAL A 6 -5.37 4.39 -2.04
CA VAL A 6 -5.50 4.12 -0.63
C VAL A 6 -4.21 4.49 0.09
N LYS A 7 -4.36 5.33 1.11
CA LYS A 7 -3.20 5.77 1.89
C LYS A 7 -3.03 4.85 3.10
N VAL A 8 -1.87 4.22 3.16
CA VAL A 8 -1.56 3.33 4.26
C VAL A 8 -0.31 3.82 4.99
N LYS A 9 -0.08 3.25 6.16
CA LYS A 9 1.07 3.62 6.97
C LYS A 9 1.76 2.35 7.48
N CYS A 10 3.08 2.37 7.40
CA CYS A 10 3.87 1.23 7.85
C CYS A 10 3.80 1.17 9.38
N PRO A 11 3.48 -0.05 9.89
CA PRO A 11 3.37 -0.26 11.33
C PRO A 11 4.76 -0.32 11.96
N ASP A 12 5.69 -0.91 11.23
CA ASP A 12 7.06 -1.04 11.73
C ASP A 12 7.82 0.26 11.42
N CYS A 13 7.60 0.77 10.22
CA CYS A 13 8.26 2.00 9.80
C CYS A 13 7.57 3.18 10.48
N GLU A 14 6.28 3.00 10.72
CA GLU A 14 5.48 4.03 11.35
C GLU A 14 5.33 5.24 10.42
N HIS A 15 5.79 5.05 9.19
CA HIS A 15 5.71 6.10 8.20
C HIS A 15 4.49 5.89 7.31
N GLU A 16 3.96 7.00 6.81
CA GLU A 16 2.79 6.94 5.95
C GLU A 16 3.20 6.77 4.49
N GLN A 17 2.47 5.91 3.80
CA GLN A 17 2.74 5.64 2.39
C GLN A 17 1.44 5.50 1.61
N VAL A 18 1.55 5.66 0.30
CA VAL A 18 0.40 5.54 -0.57
C VAL A 18 0.65 4.44 -1.60
N ILE A 19 -0.17 3.40 -1.50
CA ILE A 19 -0.06 2.27 -2.41
C ILE A 19 -1.42 1.98 -3.03
N PHE A 20 -1.40 1.15 -4.07
CA PHE A 20 -2.62 0.79 -4.76
C PHE A 20 -3.32 -0.38 -4.06
N ASP A 21 -4.64 -0.42 -4.20
CA ASP A 21 -5.42 -1.48 -3.58
C ASP A 21 -5.44 -2.70 -4.50
N HIS A 22 -4.64 -2.61 -5.57
CA HIS A 22 -4.56 -3.70 -6.52
C HIS A 22 -3.42 -3.43 -7.50
N PRO A 23 -2.17 -3.47 -6.95
CA PRO A 23 -0.99 -3.23 -7.77
C PRO A 23 -0.68 -4.44 -8.65
N SER A 24 0.14 -5.33 -8.11
CA SER A 24 0.51 -6.54 -8.85
C SER A 24 1.85 -7.07 -8.32
N THR A 25 2.72 -6.14 -7.97
CA THR A 25 4.03 -6.50 -7.45
C THR A 25 4.10 -6.25 -5.94
N ILE A 26 5.09 -6.86 -5.31
CA ILE A 26 5.27 -6.71 -3.88
C ILE A 26 5.58 -5.25 -3.55
N VAL A 27 4.93 -4.76 -2.51
CA VAL A 27 5.12 -3.38 -2.09
C VAL A 27 6.12 -3.35 -0.93
N LYS A 28 7.28 -2.75 -1.20
CA LYS A 28 8.31 -2.65 -0.18
C LYS A 28 8.36 -1.21 0.33
N CYS A 29 8.59 -1.10 1.64
CA CYS A 29 8.67 0.20 2.27
C CYS A 29 9.76 1.02 1.56
N ILE A 30 9.36 2.17 1.05
CA ILE A 30 10.28 3.04 0.35
C ILE A 30 11.32 3.57 1.35
N ILE A 31 11.06 3.33 2.62
CA ILE A 31 11.95 3.77 3.67
C ILE A 31 13.16 2.82 3.74
N CYS A 32 12.94 1.69 4.40
CA CYS A 32 13.98 0.70 4.55
C CYS A 32 13.85 -0.31 3.42
N GLY A 33 12.63 -0.84 3.28
CA GLY A 33 12.36 -1.81 2.24
C GLY A 33 11.61 -3.03 2.82
N ARG A 34 10.79 -2.75 3.82
CA ARG A 34 10.02 -3.80 4.47
C ARG A 34 8.67 -3.98 3.77
N THR A 35 8.21 -5.23 3.74
CA THR A 35 6.95 -5.53 3.10
C THR A 35 5.79 -4.85 3.85
N VAL A 36 5.01 -4.09 3.11
CA VAL A 36 3.88 -3.39 3.68
C VAL A 36 2.59 -3.96 3.11
N ALA A 37 2.68 -4.41 1.87
CA ALA A 37 1.51 -4.98 1.20
C ALA A 37 1.98 -6.10 0.26
N GLU A 38 1.20 -7.18 0.26
CA GLU A 38 1.51 -8.32 -0.59
C GLU A 38 0.33 -8.65 -1.50
N PRO A 39 0.67 -8.97 -2.78
CA PRO A 39 -0.35 -9.29 -3.76
C PRO A 39 -0.90 -10.71 -3.52
N THR A 40 -0.13 -11.49 -2.78
CA THR A 40 -0.53 -12.85 -2.48
C THR A 40 -1.18 -13.50 -3.69
N GLY A 41 -0.53 -13.36 -4.83
CA GLY A 41 -1.03 -13.92 -6.07
C GLY A 41 -2.11 -13.03 -6.69
N GLY A 42 -3.14 -13.67 -7.21
CA GLY A 42 -4.24 -12.95 -7.82
C GLY A 42 -5.09 -12.23 -6.77
N LYS A 43 -4.49 -11.21 -6.17
CA LYS A 43 -5.17 -10.43 -5.15
C LYS A 43 -4.27 -9.30 -4.68
N GLY A 44 -4.63 -8.72 -3.55
CA GLY A 44 -3.86 -7.63 -2.98
C GLY A 44 -4.38 -7.24 -1.60
N ASN A 45 -3.58 -7.54 -0.59
CA ASN A 45 -3.96 -7.23 0.78
C ASN A 45 -2.86 -6.37 1.42
N ILE A 46 -3.30 -5.32 2.09
CA ILE A 46 -2.38 -4.41 2.75
C ILE A 46 -2.05 -4.95 4.14
N LYS A 47 -0.76 -5.21 4.34
CA LYS A 47 -0.30 -5.73 5.62
C LYS A 47 0.15 -4.56 6.51
N ALA A 48 -0.61 -3.49 6.45
CA ALA A 48 -0.31 -2.32 7.24
C ALA A 48 -1.61 -1.64 7.67
N GLU A 49 -1.49 -0.74 8.64
CA GLU A 49 -2.63 -0.02 9.16
C GLU A 49 -3.10 1.04 8.16
N ILE A 50 -4.24 0.78 7.55
CA ILE A 50 -4.79 1.71 6.57
C ILE A 50 -5.41 2.90 7.30
N ILE A 51 -5.24 4.07 6.69
CA ILE A 51 -5.78 5.30 7.27
C ILE A 51 -7.11 5.63 6.59
N GLU A 52 -7.05 5.79 5.29
CA GLU A 52 -8.24 6.11 4.51
C GLU A 52 -7.87 6.39 3.06
N TYR A 53 -8.85 6.87 2.31
CA TYR A 53 -8.64 7.19 0.90
C TYR A 53 -7.80 8.46 0.76
N VAL A 54 -6.88 8.41 -0.20
CA VAL A 54 -6.01 9.54 -0.47
C VAL A 54 -6.75 10.56 -1.33
N ASP A 55 -6.09 11.69 -1.57
CA ASP A 55 -6.66 12.75 -2.38
C ASP A 55 -5.91 12.83 -3.70
N GLN A 56 -4.72 12.24 -3.72
CA GLN A 56 -3.90 12.25 -4.91
C GLN A 56 -4.44 11.25 -5.93
N ILE A 57 -5.48 11.67 -6.64
CA ILE A 57 -6.10 10.82 -7.65
C ILE A 57 -5.05 10.43 -8.68
N GLU A 58 -5.44 9.50 -9.54
CA GLU A 58 -4.55 9.02 -10.59
C GLU A 58 -4.67 9.90 -11.84
N MET A 1 -13.21 5.61 -12.02
CA MET A 1 -13.74 4.85 -10.91
C MET A 1 -12.92 3.58 -10.67
N HIS A 2 -12.41 3.02 -11.76
CA HIS A 2 -11.59 1.82 -11.67
C HIS A 2 -10.17 2.19 -11.25
N SER A 3 -9.62 1.35 -10.39
CA SER A 3 -8.27 1.58 -9.91
C SER A 3 -8.22 2.88 -9.09
N ARG A 4 -8.56 2.76 -7.82
CA ARG A 4 -8.55 3.91 -6.94
C ARG A 4 -7.27 3.93 -6.09
N PHE A 5 -7.07 5.04 -5.41
CA PHE A 5 -5.90 5.19 -4.56
C PHE A 5 -6.23 4.91 -3.10
N VAL A 6 -5.22 4.45 -2.37
CA VAL A 6 -5.39 4.13 -0.96
C VAL A 6 -4.10 4.47 -0.21
N LYS A 7 -4.26 5.28 0.83
CA LYS A 7 -3.12 5.69 1.64
C LYS A 7 -2.98 4.72 2.82
N VAL A 8 -1.81 4.10 2.89
CA VAL A 8 -1.53 3.15 3.95
C VAL A 8 -0.37 3.68 4.80
N LYS A 9 -0.20 3.07 5.97
CA LYS A 9 0.86 3.46 6.88
C LYS A 9 1.57 2.21 7.41
N CYS A 10 2.89 2.28 7.42
CA CYS A 10 3.69 1.17 7.89
C CYS A 10 3.54 1.09 9.42
N PRO A 11 3.17 -0.13 9.89
CA PRO A 11 2.99 -0.36 11.31
C PRO A 11 4.34 -0.44 12.03
N ASP A 12 5.31 -1.04 11.34
CA ASP A 12 6.64 -1.20 11.91
C ASP A 12 7.43 0.11 11.70
N CYS A 13 7.30 0.65 10.50
CA CYS A 13 7.98 1.89 10.16
C CYS A 13 7.26 3.05 10.86
N GLU A 14 5.93 2.98 10.81
CA GLU A 14 5.11 4.02 11.43
C GLU A 14 4.97 5.21 10.48
N HIS A 15 5.50 5.04 9.27
CA HIS A 15 5.44 6.09 8.28
C HIS A 15 4.26 5.84 7.34
N GLU A 16 3.72 6.93 6.81
CA GLU A 16 2.59 6.85 5.90
C GLU A 16 3.08 6.67 4.47
N GLN A 17 2.41 5.77 3.76
CA GLN A 17 2.77 5.50 2.37
C GLN A 17 1.51 5.31 1.53
N VAL A 18 1.66 5.51 0.23
CA VAL A 18 0.55 5.36 -0.69
C VAL A 18 0.88 4.26 -1.70
N ILE A 19 0.03 3.25 -1.73
CA ILE A 19 0.22 2.13 -2.65
C ILE A 19 -1.12 1.79 -3.32
N PHE A 20 -1.03 0.99 -4.37
CA PHE A 20 -2.22 0.57 -5.09
C PHE A 20 -2.96 -0.54 -4.35
N ASP A 21 -4.27 -0.59 -4.56
CA ASP A 21 -5.09 -1.60 -3.93
C ASP A 21 -5.05 -2.88 -4.76
N HIS A 22 -4.18 -2.87 -5.76
CA HIS A 22 -4.04 -4.03 -6.63
C HIS A 22 -2.74 -3.91 -7.43
N PRO A 23 -1.61 -3.92 -6.68
CA PRO A 23 -0.29 -3.82 -7.29
C PRO A 23 0.10 -5.14 -7.97
N SER A 24 1.25 -5.11 -8.63
CA SER A 24 1.75 -6.29 -9.31
C SER A 24 3.06 -6.75 -8.67
N THR A 25 3.82 -5.79 -8.20
CA THR A 25 5.10 -6.09 -7.57
C THR A 25 5.00 -5.91 -6.05
N ILE A 26 5.95 -6.49 -5.36
CA ILE A 26 5.98 -6.41 -3.90
C ILE A 26 6.20 -4.95 -3.48
N VAL A 27 5.48 -4.55 -2.45
CA VAL A 27 5.59 -3.19 -1.94
C VAL A 27 6.57 -3.16 -0.78
N LYS A 28 7.69 -2.48 -1.01
CA LYS A 28 8.72 -2.37 0.01
C LYS A 28 8.72 -0.94 0.57
N CYS A 29 8.81 -0.86 1.89
CA CYS A 29 8.81 0.43 2.57
C CYS A 29 9.94 1.27 1.96
N ILE A 30 9.55 2.44 1.46
CA ILE A 30 10.51 3.34 0.86
C ILE A 30 11.47 3.86 1.93
N ILE A 31 11.12 3.57 3.17
CA ILE A 31 11.94 4.00 4.29
C ILE A 31 13.14 3.07 4.42
N CYS A 32 12.89 1.91 5.02
CA CYS A 32 13.95 0.93 5.21
C CYS A 32 13.91 -0.05 4.04
N GLY A 33 12.73 -0.59 3.80
CA GLY A 33 12.54 -1.54 2.71
C GLY A 33 11.79 -2.78 3.19
N ARG A 34 10.89 -2.56 4.14
CA ARG A 34 10.10 -3.64 4.70
C ARG A 34 8.81 -3.82 3.90
N THR A 35 8.38 -5.07 3.79
CA THR A 35 7.16 -5.38 3.06
C THR A 35 5.95 -4.72 3.75
N VAL A 36 5.23 -3.94 2.97
CA VAL A 36 4.06 -3.26 3.49
C VAL A 36 2.81 -3.78 2.77
N ALA A 37 3.05 -4.52 1.69
CA ALA A 37 1.97 -5.09 0.91
C ALA A 37 2.52 -6.18 -0.01
N GLU A 38 1.77 -7.26 -0.11
CA GLU A 38 2.16 -8.38 -0.94
C GLU A 38 1.04 -8.73 -1.92
N PRO A 39 1.45 -8.96 -3.20
CA PRO A 39 0.48 -9.31 -4.24
C PRO A 39 0.03 -10.77 -4.09
N THR A 40 -0.70 -11.02 -3.01
CA THR A 40 -1.20 -12.35 -2.75
C THR A 40 -1.68 -13.01 -4.04
N GLY A 41 -1.73 -14.34 -4.02
CA GLY A 41 -2.16 -15.09 -5.17
C GLY A 41 -3.29 -14.38 -5.91
N GLY A 42 -4.35 -14.06 -5.15
CA GLY A 42 -5.49 -13.38 -5.71
C GLY A 42 -5.20 -11.88 -5.92
N LYS A 43 -6.03 -11.06 -5.30
CA LYS A 43 -5.87 -9.62 -5.41
C LYS A 43 -4.91 -9.13 -4.32
N GLY A 44 -4.04 -8.21 -4.71
CA GLY A 44 -3.07 -7.66 -3.79
C GLY A 44 -3.70 -7.37 -2.43
N ASN A 45 -2.95 -7.69 -1.38
CA ASN A 45 -3.44 -7.47 -0.02
C ASN A 45 -2.45 -6.56 0.72
N ILE A 46 -3.02 -5.59 1.42
CA ILE A 46 -2.20 -4.65 2.18
C ILE A 46 -1.89 -5.25 3.56
N LYS A 47 -0.59 -5.36 3.83
CA LYS A 47 -0.14 -5.92 5.10
C LYS A 47 0.15 -4.78 6.07
N ALA A 48 -0.66 -3.73 5.96
CA ALA A 48 -0.50 -2.57 6.83
C ALA A 48 -1.87 -1.97 7.12
N GLU A 49 -1.89 -1.09 8.12
CA GLU A 49 -3.13 -0.44 8.51
C GLU A 49 -3.52 0.63 7.49
N ILE A 50 -4.67 0.42 6.87
CA ILE A 50 -5.17 1.35 5.86
C ILE A 50 -5.82 2.55 6.57
N ILE A 51 -5.40 3.73 6.15
CA ILE A 51 -5.94 4.96 6.72
C ILE A 51 -7.25 5.31 6.02
N GLU A 52 -7.15 5.51 4.72
CA GLU A 52 -8.32 5.86 3.93
C GLU A 52 -7.90 6.26 2.51
N TYR A 53 -8.86 6.77 1.76
CA TYR A 53 -8.61 7.19 0.39
C TYR A 53 -7.75 8.45 0.35
N VAL A 54 -6.80 8.44 -0.57
CA VAL A 54 -5.91 9.58 -0.73
C VAL A 54 -6.56 10.61 -1.65
N ASP A 55 -5.92 11.78 -1.72
CA ASP A 55 -6.43 12.85 -2.55
C ASP A 55 -5.56 12.98 -3.81
N GLN A 56 -4.39 12.37 -3.74
CA GLN A 56 -3.46 12.40 -4.85
C GLN A 56 -3.94 11.45 -5.96
N ILE A 57 -4.96 11.89 -6.68
CA ILE A 57 -5.51 11.10 -7.76
C ILE A 57 -4.40 10.76 -8.76
N GLU A 58 -4.74 9.88 -9.69
CA GLU A 58 -3.78 9.45 -10.70
C GLU A 58 -3.72 10.48 -11.83
N MET A 1 -12.56 4.03 -13.75
CA MET A 1 -11.83 3.01 -14.48
C MET A 1 -10.44 2.80 -13.87
N HIS A 2 -9.81 3.92 -13.53
CA HIS A 2 -8.48 3.87 -12.94
C HIS A 2 -8.56 3.39 -11.49
N SER A 3 -7.62 2.54 -11.13
CA SER A 3 -7.59 2.00 -9.78
C SER A 3 -7.87 3.11 -8.76
N ARG A 4 -8.25 2.69 -7.57
CA ARG A 4 -8.56 3.63 -6.51
C ARG A 4 -7.31 3.96 -5.70
N PHE A 5 -7.44 4.94 -4.84
CA PHE A 5 -6.32 5.36 -4.00
C PHE A 5 -6.58 5.04 -2.52
N VAL A 6 -5.55 4.54 -1.87
CA VAL A 6 -5.66 4.19 -0.46
C VAL A 6 -4.35 4.53 0.25
N LYS A 7 -4.46 5.32 1.31
CA LYS A 7 -3.31 5.72 2.08
C LYS A 7 -3.10 4.74 3.23
N VAL A 8 -1.90 4.19 3.28
CA VAL A 8 -1.56 3.23 4.33
C VAL A 8 -0.37 3.77 5.14
N LYS A 9 -0.13 3.13 6.27
CA LYS A 9 0.96 3.53 7.14
C LYS A 9 1.72 2.28 7.61
N CYS A 10 3.03 2.34 7.48
CA CYS A 10 3.87 1.23 7.89
C CYS A 10 3.85 1.13 9.42
N PRO A 11 3.56 -0.09 9.92
CA PRO A 11 3.50 -0.33 11.35
C PRO A 11 4.91 -0.37 11.96
N ASP A 12 5.84 -0.91 11.17
CA ASP A 12 7.21 -1.01 11.62
C ASP A 12 7.95 0.30 11.32
N CYS A 13 7.66 0.86 10.17
CA CYS A 13 8.27 2.10 9.75
C CYS A 13 7.55 3.25 10.46
N GLU A 14 6.28 3.02 10.74
CA GLU A 14 5.46 4.02 11.41
C GLU A 14 5.27 5.24 10.50
N HIS A 15 5.69 5.09 9.26
CA HIS A 15 5.57 6.16 8.29
C HIS A 15 4.31 5.94 7.43
N GLU A 16 3.76 7.04 6.96
CA GLU A 16 2.56 6.98 6.13
C GLU A 16 2.94 6.88 4.66
N GLN A 17 2.21 6.04 3.95
CA GLN A 17 2.47 5.84 2.53
C GLN A 17 1.14 5.66 1.77
N VAL A 18 1.20 5.89 0.47
CA VAL A 18 0.02 5.75 -0.37
C VAL A 18 0.31 4.75 -1.49
N ILE A 19 -0.41 3.65 -1.46
CA ILE A 19 -0.24 2.62 -2.46
C ILE A 19 -1.60 2.30 -3.10
N PHE A 20 -1.54 1.57 -4.21
CA PHE A 20 -2.75 1.21 -4.92
C PHE A 20 -3.35 -0.08 -4.35
N ASP A 21 -4.66 -0.20 -4.51
CA ASP A 21 -5.36 -1.38 -4.03
C ASP A 21 -5.35 -2.46 -5.11
N HIS A 22 -4.25 -2.51 -5.85
CA HIS A 22 -4.09 -3.48 -6.91
C HIS A 22 -2.70 -3.36 -7.52
N PRO A 23 -1.67 -3.60 -6.66
CA PRO A 23 -0.29 -3.53 -7.10
C PRO A 23 0.09 -4.74 -7.95
N SER A 24 -0.24 -5.91 -7.42
CA SER A 24 0.05 -7.16 -8.11
C SER A 24 1.45 -7.65 -7.72
N THR A 25 2.35 -6.71 -7.57
CA THR A 25 3.72 -7.03 -7.20
C THR A 25 3.98 -6.68 -5.73
N ILE A 26 5.05 -7.26 -5.20
CA ILE A 26 5.41 -7.02 -3.81
C ILE A 26 5.76 -5.54 -3.63
N VAL A 27 5.30 -4.98 -2.52
CA VAL A 27 5.56 -3.59 -2.21
C VAL A 27 6.46 -3.50 -0.98
N LYS A 28 7.65 -2.98 -1.19
CA LYS A 28 8.61 -2.83 -0.11
C LYS A 28 8.65 -1.37 0.34
N CYS A 29 8.76 -1.18 1.65
CA CYS A 29 8.80 0.16 2.22
C CYS A 29 9.94 0.92 1.54
N ILE A 30 9.57 2.04 0.93
CA ILE A 30 10.54 2.87 0.25
C ILE A 30 11.54 3.43 1.27
N ILE A 31 11.20 3.26 2.54
CA ILE A 31 12.05 3.74 3.62
C ILE A 31 13.23 2.77 3.79
N CYS A 32 12.95 1.66 4.46
CA CYS A 32 13.97 0.66 4.71
C CYS A 32 13.89 -0.39 3.60
N GLY A 33 12.68 -0.88 3.38
CA GLY A 33 12.45 -1.88 2.36
C GLY A 33 11.67 -3.08 2.92
N ARG A 34 10.81 -2.78 3.88
CA ARG A 34 10.01 -3.81 4.51
C ARG A 34 8.69 -3.99 3.77
N THR A 35 8.21 -5.22 3.75
CA THR A 35 6.96 -5.52 3.07
C THR A 35 5.79 -4.83 3.77
N VAL A 36 5.06 -4.04 3.00
CA VAL A 36 3.92 -3.31 3.53
C VAL A 36 2.64 -3.85 2.88
N ALA A 37 2.79 -4.36 1.66
CA ALA A 37 1.66 -4.90 0.92
C ALA A 37 2.13 -6.11 0.11
N GLU A 38 1.29 -7.14 0.12
CA GLU A 38 1.61 -8.36 -0.61
C GLU A 38 0.48 -8.69 -1.59
N PRO A 39 0.89 -9.13 -2.81
CA PRO A 39 -0.08 -9.47 -3.84
C PRO A 39 -0.74 -10.83 -3.55
N THR A 40 -0.13 -11.55 -2.60
CA THR A 40 -0.64 -12.85 -2.22
C THR A 40 -1.13 -13.62 -3.45
N GLY A 41 -0.42 -13.42 -4.55
CA GLY A 41 -0.76 -14.09 -5.79
C GLY A 41 -2.19 -13.74 -6.22
N GLY A 42 -2.33 -12.60 -6.87
CA GLY A 42 -3.62 -12.14 -7.33
C GLY A 42 -4.04 -10.86 -6.62
N LYS A 43 -5.22 -10.90 -6.03
CA LYS A 43 -5.74 -9.75 -5.31
C LYS A 43 -4.69 -9.24 -4.33
N GLY A 44 -4.41 -7.95 -4.43
CA GLY A 44 -3.42 -7.33 -3.56
C GLY A 44 -4.05 -6.94 -2.21
N ASN A 45 -3.33 -7.28 -1.15
CA ASN A 45 -3.80 -6.98 0.19
C ASN A 45 -2.73 -6.18 0.94
N ILE A 46 -3.18 -5.15 1.62
CA ILE A 46 -2.27 -4.29 2.38
C ILE A 46 -1.98 -4.95 3.73
N LYS A 47 -0.69 -5.16 3.97
CA LYS A 47 -0.26 -5.77 5.22
C LYS A 47 0.12 -4.68 6.22
N ALA A 48 -0.65 -3.61 6.20
CA ALA A 48 -0.41 -2.48 7.09
C ALA A 48 -1.74 -1.87 7.50
N GLU A 49 -1.66 -1.00 8.51
CA GLU A 49 -2.85 -0.32 9.00
C GLU A 49 -3.31 0.74 8.01
N ILE A 50 -4.45 0.47 7.38
CA ILE A 50 -5.00 1.39 6.41
C ILE A 50 -5.54 2.63 7.13
N ILE A 51 -5.24 3.78 6.55
CA ILE A 51 -5.68 5.04 7.14
C ILE A 51 -7.06 5.41 6.57
N GLU A 52 -7.04 5.93 5.35
CA GLU A 52 -8.26 6.32 4.68
C GLU A 52 -8.00 6.59 3.19
N TYR A 53 -9.03 7.07 2.52
CA TYR A 53 -8.93 7.37 1.11
C TYR A 53 -8.06 8.61 0.87
N VAL A 54 -7.16 8.49 -0.09
CA VAL A 54 -6.27 9.59 -0.42
C VAL A 54 -6.95 10.51 -1.44
N ASP A 55 -6.27 11.60 -1.75
CA ASP A 55 -6.80 12.57 -2.70
C ASP A 55 -5.99 12.49 -4.00
N GLN A 56 -4.83 11.86 -3.90
CA GLN A 56 -3.96 11.71 -5.05
C GLN A 56 -4.50 10.64 -5.99
N ILE A 57 -5.27 11.07 -6.97
CA ILE A 57 -5.86 10.15 -7.93
C ILE A 57 -4.84 9.85 -9.03
N GLU A 58 -5.15 8.83 -9.82
CA GLU A 58 -4.27 8.43 -10.90
C GLU A 58 -4.67 9.15 -12.20
N MET A 1 -12.32 0.82 -14.66
CA MET A 1 -11.42 1.94 -14.44
C MET A 1 -10.14 1.49 -13.72
N HIS A 2 -9.24 2.43 -13.56
CA HIS A 2 -7.97 2.14 -12.88
C HIS A 2 -8.22 2.01 -11.39
N SER A 3 -7.53 1.04 -10.79
CA SER A 3 -7.66 0.79 -9.36
C SER A 3 -7.78 2.12 -8.61
N ARG A 4 -8.40 2.05 -7.44
CA ARG A 4 -8.58 3.23 -6.62
C ARG A 4 -7.34 3.50 -5.79
N PHE A 5 -7.32 4.67 -5.16
CA PHE A 5 -6.20 5.06 -4.34
C PHE A 5 -6.51 4.87 -2.84
N VAL A 6 -5.50 4.42 -2.12
CA VAL A 6 -5.66 4.19 -0.69
C VAL A 6 -4.35 4.54 0.03
N LYS A 7 -4.48 5.34 1.07
CA LYS A 7 -3.33 5.76 1.86
C LYS A 7 -3.14 4.80 3.03
N VAL A 8 -1.97 4.19 3.08
CA VAL A 8 -1.64 3.26 4.14
C VAL A 8 -0.44 3.78 4.93
N LYS A 9 -0.21 3.16 6.08
CA LYS A 9 0.89 3.55 6.93
C LYS A 9 1.62 2.30 7.42
N CYS A 10 2.94 2.36 7.36
CA CYS A 10 3.76 1.24 7.79
C CYS A 10 3.68 1.15 9.32
N PRO A 11 3.40 -0.09 9.80
CA PRO A 11 3.29 -0.32 11.24
C PRO A 11 4.68 -0.35 11.88
N ASP A 12 5.64 -0.90 11.16
CA ASP A 12 7.00 -0.98 11.65
C ASP A 12 7.72 0.33 11.37
N CYS A 13 7.50 0.85 10.17
CA CYS A 13 8.13 2.09 9.77
C CYS A 13 7.38 3.25 10.45
N GLU A 14 6.10 3.02 10.70
CA GLU A 14 5.28 4.02 11.34
C GLU A 14 5.10 5.23 10.42
N HIS A 15 5.58 5.08 9.19
CA HIS A 15 5.48 6.15 8.21
C HIS A 15 4.27 5.92 7.31
N GLU A 16 3.72 7.01 6.81
CA GLU A 16 2.56 6.94 5.94
C GLU A 16 3.00 6.79 4.49
N GLN A 17 2.29 5.93 3.77
CA GLN A 17 2.60 5.68 2.37
C GLN A 17 1.30 5.43 1.59
N VAL A 18 1.38 5.69 0.29
CA VAL A 18 0.24 5.48 -0.58
C VAL A 18 0.56 4.39 -1.60
N ILE A 19 -0.25 3.34 -1.57
CA ILE A 19 -0.06 2.23 -2.48
C ILE A 19 -1.41 1.86 -3.10
N PHE A 20 -1.33 1.05 -4.15
CA PHE A 20 -2.54 0.61 -4.84
C PHE A 20 -3.28 -0.45 -4.04
N ASP A 21 -4.60 -0.48 -4.23
CA ASP A 21 -5.43 -1.44 -3.53
C ASP A 21 -5.49 -2.74 -4.33
N HIS A 22 -4.62 -2.83 -5.32
CA HIS A 22 -4.56 -4.02 -6.15
C HIS A 22 -3.32 -3.94 -7.06
N PRO A 23 -2.13 -3.96 -6.40
CA PRO A 23 -0.88 -3.90 -7.13
C PRO A 23 -0.56 -5.23 -7.79
N SER A 24 0.53 -5.25 -8.54
CA SER A 24 0.95 -6.45 -9.23
C SER A 24 2.29 -6.95 -8.66
N THR A 25 3.12 -6.00 -8.27
CA THR A 25 4.42 -6.31 -7.71
C THR A 25 4.41 -6.10 -6.20
N ILE A 26 5.40 -6.70 -5.55
CA ILE A 26 5.52 -6.60 -4.10
C ILE A 26 5.79 -5.13 -3.73
N VAL A 27 5.14 -4.70 -2.65
CA VAL A 27 5.31 -3.34 -2.18
C VAL A 27 6.30 -3.33 -1.01
N LYS A 28 7.44 -2.70 -1.25
CA LYS A 28 8.47 -2.60 -0.23
C LYS A 28 8.54 -1.17 0.28
N CYS A 29 8.71 -1.05 1.59
CA CYS A 29 8.80 0.26 2.23
C CYS A 29 9.94 1.04 1.57
N ILE A 30 9.59 2.20 1.02
CA ILE A 30 10.57 3.05 0.36
C ILE A 30 11.56 3.58 1.40
N ILE A 31 11.21 3.36 2.66
CA ILE A 31 12.06 3.81 3.75
C ILE A 31 13.25 2.86 3.91
N CYS A 32 12.98 1.73 4.56
CA CYS A 32 14.02 0.73 4.77
C CYS A 32 13.93 -0.31 3.65
N GLY A 33 12.72 -0.81 3.46
CA GLY A 33 12.48 -1.80 2.42
C GLY A 33 11.71 -3.00 2.98
N ARG A 34 10.85 -2.72 3.95
CA ARG A 34 10.05 -3.75 4.57
C ARG A 34 8.72 -3.92 3.82
N THR A 35 8.24 -5.15 3.81
CA THR A 35 6.99 -5.47 3.14
C THR A 35 5.82 -4.76 3.82
N VAL A 36 5.09 -4.00 3.03
CA VAL A 36 3.94 -3.27 3.55
C VAL A 36 2.66 -3.82 2.92
N ALA A 37 2.84 -4.47 1.78
CA ALA A 37 1.70 -5.05 1.08
C ALA A 37 2.20 -6.21 0.21
N GLU A 38 1.40 -7.27 0.20
CA GLU A 38 1.74 -8.45 -0.58
C GLU A 38 0.60 -8.81 -1.54
N PRO A 39 0.90 -8.71 -2.86
CA PRO A 39 -0.08 -9.02 -3.88
C PRO A 39 -0.29 -10.52 -4.01
N THR A 40 -0.68 -11.13 -2.90
CA THR A 40 -0.91 -12.57 -2.87
C THR A 40 -1.90 -12.96 -3.98
N GLY A 41 -1.54 -14.03 -4.68
CA GLY A 41 -2.38 -14.51 -5.77
C GLY A 41 -2.72 -13.39 -6.76
N GLY A 42 -3.99 -13.04 -6.78
CA GLY A 42 -4.46 -11.99 -7.68
C GLY A 42 -4.77 -10.71 -6.89
N LYS A 43 -5.76 -10.80 -6.02
CA LYS A 43 -6.16 -9.66 -5.22
C LYS A 43 -5.02 -9.30 -4.26
N GLY A 44 -4.75 -8.00 -4.19
CA GLY A 44 -3.69 -7.51 -3.33
C GLY A 44 -4.22 -7.20 -1.92
N ASN A 45 -3.43 -7.56 -0.93
CA ASN A 45 -3.81 -7.34 0.45
C ASN A 45 -2.74 -6.48 1.13
N ILE A 46 -3.20 -5.43 1.80
CA ILE A 46 -2.29 -4.53 2.50
C ILE A 46 -1.99 -5.10 3.89
N LYS A 47 -0.71 -5.28 4.16
CA LYS A 47 -0.28 -5.82 5.44
C LYS A 47 0.16 -4.65 6.34
N ALA A 48 -0.60 -3.57 6.27
CA ALA A 48 -0.30 -2.40 7.08
C ALA A 48 -1.61 -1.74 7.51
N GLU A 49 -1.49 -0.83 8.48
CA GLU A 49 -2.65 -0.13 8.99
C GLU A 49 -3.13 0.92 7.98
N ILE A 50 -4.27 0.62 7.36
CA ILE A 50 -4.83 1.52 6.37
C ILE A 50 -5.41 2.75 7.08
N ILE A 51 -4.95 3.91 6.64
CA ILE A 51 -5.42 5.17 7.21
C ILE A 51 -6.78 5.53 6.62
N GLU A 52 -6.75 6.02 5.40
CA GLU A 52 -7.96 6.41 4.72
C GLU A 52 -7.68 6.67 3.23
N TYR A 53 -8.71 7.17 2.55
CA TYR A 53 -8.58 7.46 1.13
C TYR A 53 -7.70 8.69 0.90
N VAL A 54 -6.92 8.63 -0.17
CA VAL A 54 -6.04 9.73 -0.51
C VAL A 54 -6.77 10.71 -1.43
N ASP A 55 -6.30 11.95 -1.42
CA ASP A 55 -6.90 12.99 -2.22
C ASP A 55 -6.25 12.99 -3.61
N GLN A 56 -5.14 13.69 -3.70
CA GLN A 56 -4.41 13.78 -4.96
C GLN A 56 -4.48 12.45 -5.71
N ILE A 57 -5.43 12.38 -6.63
CA ILE A 57 -5.61 11.16 -7.42
C ILE A 57 -4.40 10.97 -8.33
N GLU A 58 -4.36 9.80 -8.97
CA GLU A 58 -3.26 9.49 -9.87
C GLU A 58 -3.64 9.84 -11.31
N MET A 1 -14.06 0.92 -9.52
CA MET A 1 -13.77 0.09 -10.66
C MET A 1 -12.35 0.33 -11.19
N HIS A 2 -12.03 1.61 -11.34
CA HIS A 2 -10.71 2.00 -11.83
C HIS A 2 -9.74 2.09 -10.65
N SER A 3 -8.53 1.62 -10.88
CA SER A 3 -7.50 1.65 -9.86
C SER A 3 -7.61 2.94 -9.05
N ARG A 4 -8.05 2.79 -7.81
CA ARG A 4 -8.21 3.93 -6.93
C ARG A 4 -6.96 4.09 -6.05
N PHE A 5 -6.90 5.22 -5.36
CA PHE A 5 -5.79 5.50 -4.48
C PHE A 5 -6.18 5.33 -3.00
N VAL A 6 -5.23 4.82 -2.23
CA VAL A 6 -5.45 4.58 -0.82
C VAL A 6 -4.17 4.87 -0.04
N LYS A 7 -4.31 5.66 1.00
CA LYS A 7 -3.16 6.01 1.84
C LYS A 7 -3.06 5.02 3.00
N VAL A 8 -1.92 4.34 3.06
CA VAL A 8 -1.68 3.37 4.11
C VAL A 8 -0.49 3.82 4.95
N LYS A 9 -0.33 3.17 6.09
CA LYS A 9 0.77 3.48 6.99
C LYS A 9 1.43 2.18 7.45
N CYS A 10 2.75 2.21 7.44
CA CYS A 10 3.53 1.05 7.85
C CYS A 10 3.39 0.89 9.37
N PRO A 11 3.05 -0.36 9.79
CA PRO A 11 2.87 -0.66 11.20
C PRO A 11 4.22 -0.76 11.91
N ASP A 12 5.19 -1.28 11.18
CA ASP A 12 6.54 -1.45 11.72
C ASP A 12 7.32 -0.15 11.51
N CYS A 13 7.17 0.41 10.33
CA CYS A 13 7.86 1.65 10.00
C CYS A 13 7.14 2.81 10.70
N GLU A 14 5.83 2.64 10.87
CA GLU A 14 5.02 3.65 11.52
C GLU A 14 4.92 4.90 10.64
N HIS A 15 5.44 4.77 9.42
CA HIS A 15 5.41 5.88 8.48
C HIS A 15 4.23 5.71 7.53
N GLU A 16 3.73 6.84 7.06
CA GLU A 16 2.60 6.84 6.15
C GLU A 16 3.09 6.71 4.70
N GLN A 17 2.37 5.89 3.95
CA GLN A 17 2.72 5.67 2.54
C GLN A 17 1.45 5.51 1.70
N VAL A 18 1.61 5.75 0.42
CA VAL A 18 0.49 5.63 -0.51
C VAL A 18 0.77 4.52 -1.52
N ILE A 19 -0.09 3.51 -1.49
CA ILE A 19 0.06 2.38 -2.39
C ILE A 19 -1.31 2.01 -2.96
N PHE A 20 -1.28 1.17 -3.99
CA PHE A 20 -2.51 0.74 -4.64
C PHE A 20 -3.25 -0.28 -3.78
N ASP A 21 -4.56 -0.32 -3.93
CA ASP A 21 -5.38 -1.24 -3.18
C ASP A 21 -5.52 -2.55 -3.96
N HIS A 22 -4.60 -2.75 -4.89
CA HIS A 22 -4.59 -3.95 -5.71
C HIS A 22 -3.38 -3.93 -6.64
N PRO A 23 -2.18 -3.95 -6.00
CA PRO A 23 -0.94 -3.94 -6.76
C PRO A 23 -0.66 -5.31 -7.38
N SER A 24 0.34 -5.35 -8.26
CA SER A 24 0.71 -6.58 -8.92
C SER A 24 2.09 -7.05 -8.43
N THR A 25 2.92 -6.09 -8.09
CA THR A 25 4.25 -6.38 -7.61
C THR A 25 4.34 -6.16 -6.09
N ILE A 26 5.37 -6.72 -5.50
CA ILE A 26 5.58 -6.59 -4.07
C ILE A 26 5.83 -5.12 -3.72
N VAL A 27 5.23 -4.70 -2.62
CA VAL A 27 5.38 -3.33 -2.17
C VAL A 27 6.32 -3.28 -0.97
N LYS A 28 7.47 -2.65 -1.20
CA LYS A 28 8.47 -2.54 -0.14
C LYS A 28 8.46 -1.10 0.40
N CYS A 29 8.61 -1.00 1.71
CA CYS A 29 8.62 0.30 2.36
C CYS A 29 9.78 1.12 1.78
N ILE A 30 9.43 2.28 1.24
CA ILE A 30 10.42 3.15 0.65
C ILE A 30 11.39 3.62 1.73
N ILE A 31 11.03 3.33 2.97
CA ILE A 31 11.86 3.71 4.10
C ILE A 31 13.08 2.78 4.17
N CYS A 32 12.86 1.61 4.73
CA CYS A 32 13.92 0.62 4.86
C CYS A 32 13.79 -0.38 3.71
N GLY A 33 12.56 -0.76 3.42
CA GLY A 33 12.30 -1.70 2.35
C GLY A 33 11.54 -2.92 2.87
N ARG A 34 10.70 -2.67 3.86
CA ARG A 34 9.90 -3.75 4.45
C ARG A 34 8.57 -3.89 3.71
N THR A 35 8.15 -5.15 3.59
CA THR A 35 6.89 -5.44 2.91
C THR A 35 5.72 -4.76 3.63
N VAL A 36 4.97 -3.99 2.86
CA VAL A 36 3.81 -3.29 3.41
C VAL A 36 2.54 -3.85 2.78
N ALA A 37 2.71 -4.49 1.63
CA ALA A 37 1.58 -5.09 0.93
C ALA A 37 2.09 -6.17 -0.02
N GLU A 38 1.34 -7.26 -0.06
CA GLU A 38 1.70 -8.38 -0.92
C GLU A 38 0.62 -8.62 -1.97
N PRO A 39 1.08 -8.89 -3.23
CA PRO A 39 0.16 -9.14 -4.32
C PRO A 39 -0.47 -10.52 -4.21
N THR A 40 0.05 -11.30 -3.27
CA THR A 40 -0.45 -12.65 -3.05
C THR A 40 -0.82 -13.31 -4.39
N GLY A 41 0.13 -13.26 -5.32
CA GLY A 41 -0.08 -13.85 -6.63
C GLY A 41 -1.04 -12.99 -7.46
N GLY A 42 -2.29 -12.98 -7.04
CA GLY A 42 -3.31 -12.21 -7.72
C GLY A 42 -3.68 -10.94 -6.94
N LYS A 43 -4.93 -10.91 -6.49
CA LYS A 43 -5.41 -9.76 -5.74
C LYS A 43 -4.46 -9.50 -4.57
N GLY A 44 -3.92 -8.28 -4.56
CA GLY A 44 -2.99 -7.89 -3.51
C GLY A 44 -3.74 -7.49 -2.24
N ASN A 45 -3.08 -7.71 -1.11
CA ASN A 45 -3.67 -7.38 0.18
C ASN A 45 -2.74 -6.43 0.93
N ILE A 46 -3.34 -5.43 1.55
CA ILE A 46 -2.58 -4.45 2.32
C ILE A 46 -2.29 -5.01 3.71
N LYS A 47 -1.02 -5.29 3.96
CA LYS A 47 -0.61 -5.82 5.25
C LYS A 47 -0.18 -4.66 6.16
N ALA A 48 -0.93 -3.57 6.07
CA ALA A 48 -0.64 -2.40 6.88
C ALA A 48 -1.95 -1.71 7.24
N GLU A 49 -1.87 -0.87 8.27
CA GLU A 49 -3.04 -0.13 8.72
C GLU A 49 -3.39 0.98 7.75
N ILE A 50 -4.60 0.90 7.20
CA ILE A 50 -5.06 1.89 6.24
C ILE A 50 -5.62 3.09 7.01
N ILE A 51 -5.46 4.26 6.41
CA ILE A 51 -5.94 5.49 7.02
C ILE A 51 -7.19 5.96 6.27
N GLU A 52 -7.07 6.06 4.96
CA GLU A 52 -8.17 6.50 4.12
C GLU A 52 -7.68 6.81 2.71
N TYR A 53 -8.57 7.41 1.92
CA TYR A 53 -8.23 7.76 0.55
C TYR A 53 -7.34 8.99 0.50
N VAL A 54 -6.45 9.00 -0.49
CA VAL A 54 -5.52 10.10 -0.66
C VAL A 54 -6.12 11.11 -1.65
N ASP A 55 -5.45 12.24 -1.77
CA ASP A 55 -5.89 13.29 -2.67
C ASP A 55 -5.09 13.20 -3.98
N GLN A 56 -4.00 12.47 -3.91
CA GLN A 56 -3.15 12.29 -5.08
C GLN A 56 -3.78 11.31 -6.06
N ILE A 57 -4.53 11.88 -7.01
CA ILE A 57 -5.19 11.06 -8.02
C ILE A 57 -4.22 10.77 -9.15
N GLU A 58 -4.61 9.82 -10.01
CA GLU A 58 -3.79 9.44 -11.14
C GLU A 58 -3.73 10.58 -12.17
N MET A 1 -11.88 0.72 -14.93
CA MET A 1 -11.16 1.82 -14.32
C MET A 1 -9.90 1.33 -13.61
N HIS A 2 -8.98 2.25 -13.40
CA HIS A 2 -7.73 1.92 -12.73
C HIS A 2 -7.93 1.95 -11.22
N SER A 3 -7.31 1.00 -10.55
CA SER A 3 -7.42 0.90 -9.10
C SER A 3 -7.38 2.31 -8.49
N ARG A 4 -8.11 2.44 -7.38
CA ARG A 4 -8.17 3.71 -6.69
C ARG A 4 -6.96 3.89 -5.77
N PHE A 5 -6.81 5.10 -5.26
CA PHE A 5 -5.70 5.40 -4.38
C PHE A 5 -6.11 5.25 -2.91
N VAL A 6 -5.19 4.74 -2.12
CA VAL A 6 -5.43 4.54 -0.70
C VAL A 6 -4.15 4.80 0.08
N LYS A 7 -4.29 5.61 1.12
CA LYS A 7 -3.15 5.95 1.96
C LYS A 7 -3.07 4.95 3.13
N VAL A 8 -1.94 4.26 3.19
CA VAL A 8 -1.72 3.29 4.26
C VAL A 8 -0.53 3.71 5.10
N LYS A 9 -0.38 3.05 6.24
CA LYS A 9 0.71 3.36 7.14
C LYS A 9 1.44 2.07 7.50
N CYS A 10 2.77 2.14 7.45
CA CYS A 10 3.59 0.99 7.76
C CYS A 10 3.51 0.72 9.28
N PRO A 11 3.22 -0.56 9.62
CA PRO A 11 3.10 -0.95 11.01
C PRO A 11 4.47 -1.06 11.66
N ASP A 12 5.44 -1.52 10.88
CA ASP A 12 6.79 -1.67 11.37
C ASP A 12 7.53 -0.34 11.25
N CYS A 13 7.35 0.31 10.10
CA CYS A 13 7.98 1.59 9.85
C CYS A 13 7.24 2.66 10.67
N GLU A 14 5.94 2.43 10.84
CA GLU A 14 5.12 3.36 11.58
C GLU A 14 4.94 4.66 10.80
N HIS A 15 5.44 4.65 9.57
CA HIS A 15 5.35 5.82 8.72
C HIS A 15 4.16 5.67 7.77
N GLU A 16 3.61 6.81 7.38
CA GLU A 16 2.47 6.82 6.48
C GLU A 16 2.94 6.78 5.02
N GLN A 17 2.35 5.88 4.26
CA GLN A 17 2.70 5.74 2.85
C GLN A 17 1.44 5.66 2.00
N VAL A 18 1.62 5.89 0.71
CA VAL A 18 0.51 5.85 -0.22
C VAL A 18 0.75 4.76 -1.26
N ILE A 19 -0.10 3.73 -1.22
CA ILE A 19 0.02 2.62 -2.15
C ILE A 19 -1.38 2.21 -2.61
N PHE A 20 -1.40 1.41 -3.66
CA PHE A 20 -2.66 0.93 -4.21
C PHE A 20 -3.17 -0.30 -3.46
N ASP A 21 -4.49 -0.40 -3.39
CA ASP A 21 -5.10 -1.53 -2.69
C ASP A 21 -5.15 -2.73 -3.63
N HIS A 22 -4.38 -3.75 -3.28
CA HIS A 22 -4.33 -4.96 -4.08
C HIS A 22 -3.59 -4.68 -5.39
N PRO A 23 -2.28 -4.36 -5.26
CA PRO A 23 -1.46 -4.06 -6.42
C PRO A 23 -1.11 -5.34 -7.18
N SER A 24 -0.08 -5.24 -8.02
CA SER A 24 0.36 -6.38 -8.80
C SER A 24 1.80 -6.75 -8.41
N THR A 25 2.57 -5.72 -8.12
CA THR A 25 3.96 -5.93 -7.73
C THR A 25 4.14 -5.73 -6.23
N ILE A 26 5.24 -6.25 -5.72
CA ILE A 26 5.54 -6.14 -4.30
C ILE A 26 5.74 -4.67 -3.94
N VAL A 27 5.20 -4.29 -2.79
CA VAL A 27 5.32 -2.92 -2.32
C VAL A 27 6.33 -2.86 -1.17
N LYS A 28 7.43 -2.17 -1.42
CA LYS A 28 8.48 -2.03 -0.42
C LYS A 28 8.42 -0.62 0.17
N CYS A 29 8.62 -0.55 1.47
CA CYS A 29 8.60 0.73 2.17
C CYS A 29 9.73 1.60 1.61
N ILE A 30 9.34 2.76 1.10
CA ILE A 30 10.31 3.69 0.54
C ILE A 30 11.23 4.21 1.65
N ILE A 31 10.84 3.91 2.88
CA ILE A 31 11.61 4.34 4.03
C ILE A 31 12.87 3.48 4.15
N CYS A 32 12.67 2.28 4.67
CA CYS A 32 13.77 1.34 4.84
C CYS A 32 13.77 0.38 3.65
N GLY A 33 12.61 -0.17 3.38
CA GLY A 33 12.47 -1.10 2.27
C GLY A 33 11.76 -2.39 2.72
N ARG A 34 10.87 -2.23 3.69
CA ARG A 34 10.14 -3.36 4.22
C ARG A 34 8.83 -3.55 3.44
N THR A 35 8.42 -4.81 3.35
CA THR A 35 7.20 -5.15 2.64
C THR A 35 5.98 -4.60 3.38
N VAL A 36 5.18 -3.84 2.65
CA VAL A 36 3.99 -3.25 3.21
C VAL A 36 2.75 -3.90 2.59
N ALA A 37 2.96 -4.51 1.43
CA ALA A 37 1.89 -5.17 0.73
C ALA A 37 2.47 -6.29 -0.15
N GLU A 38 1.78 -7.42 -0.13
CA GLU A 38 2.22 -8.57 -0.91
C GLU A 38 1.11 -9.00 -1.87
N PRO A 39 1.52 -9.25 -3.14
CA PRO A 39 0.59 -9.66 -4.17
C PRO A 39 0.19 -11.13 -3.99
N THR A 40 -0.97 -11.31 -3.37
CA THR A 40 -1.48 -12.65 -3.12
C THR A 40 -2.32 -13.13 -4.30
N GLY A 41 -2.54 -14.43 -4.34
CA GLY A 41 -3.33 -15.03 -5.42
C GLY A 41 -4.70 -14.36 -5.53
N GLY A 42 -4.81 -13.48 -6.51
CA GLY A 42 -6.06 -12.77 -6.74
C GLY A 42 -6.09 -11.46 -5.95
N LYS A 43 -5.62 -10.40 -6.60
CA LYS A 43 -5.58 -9.09 -5.97
C LYS A 43 -4.59 -9.10 -4.81
N GLY A 44 -3.80 -8.06 -4.74
CA GLY A 44 -2.79 -7.94 -3.69
C GLY A 44 -3.47 -7.73 -2.33
N ASN A 45 -2.67 -7.90 -1.28
CA ASN A 45 -3.17 -7.74 0.07
C ASN A 45 -2.31 -6.71 0.81
N ILE A 46 -2.99 -5.76 1.44
CA ILE A 46 -2.30 -4.72 2.18
C ILE A 46 -1.92 -5.24 3.56
N LYS A 47 -0.62 -5.42 3.76
CA LYS A 47 -0.11 -5.91 5.03
C LYS A 47 0.28 -4.74 5.92
N ALA A 48 -0.53 -3.69 5.84
CA ALA A 48 -0.28 -2.49 6.63
C ALA A 48 -1.62 -1.87 7.05
N GLU A 49 -1.57 -1.08 8.11
CA GLU A 49 -2.76 -0.42 8.61
C GLU A 49 -3.17 0.72 7.67
N ILE A 50 -4.39 0.62 7.17
CA ILE A 50 -4.92 1.63 6.27
C ILE A 50 -5.52 2.77 7.08
N ILE A 51 -5.40 3.98 6.55
CA ILE A 51 -5.93 5.15 7.21
C ILE A 51 -7.18 5.62 6.48
N GLU A 52 -6.96 6.31 5.37
CA GLU A 52 -8.07 6.82 4.58
C GLU A 52 -7.63 7.00 3.13
N TYR A 53 -8.47 7.67 2.36
CA TYR A 53 -8.20 7.92 0.96
C TYR A 53 -7.27 9.13 0.78
N VAL A 54 -6.44 9.05 -0.25
CA VAL A 54 -5.51 10.13 -0.53
C VAL A 54 -6.16 11.12 -1.51
N ASP A 55 -5.44 12.19 -1.77
CA ASP A 55 -5.94 13.22 -2.68
C ASP A 55 -5.22 13.08 -4.02
N GLN A 56 -4.19 12.25 -4.03
CA GLN A 56 -3.42 12.02 -5.24
C GLN A 56 -4.21 11.14 -6.22
N ILE A 57 -5.01 11.79 -7.05
CA ILE A 57 -5.81 11.08 -8.02
C ILE A 57 -4.94 10.70 -9.24
N GLU A 58 -5.51 9.87 -10.09
CA GLU A 58 -4.80 9.44 -11.29
C GLU A 58 -5.11 10.36 -12.46
N MET A 1 -12.04 2.27 -13.57
CA MET A 1 -11.44 1.07 -14.14
C MET A 1 -10.11 0.76 -13.49
N HIS A 2 -9.24 1.76 -13.47
CA HIS A 2 -7.92 1.61 -12.89
C HIS A 2 -8.05 1.51 -11.36
N SER A 3 -7.24 0.62 -10.79
CA SER A 3 -7.26 0.42 -9.35
C SER A 3 -7.44 1.77 -8.63
N ARG A 4 -8.04 1.70 -7.45
CA ARG A 4 -8.28 2.89 -6.66
C ARG A 4 -7.05 3.24 -5.83
N PHE A 5 -7.09 4.42 -5.23
CA PHE A 5 -5.98 4.88 -4.41
C PHE A 5 -6.31 4.73 -2.92
N VAL A 6 -5.32 4.27 -2.18
CA VAL A 6 -5.49 4.07 -0.74
C VAL A 6 -4.18 4.42 -0.03
N LYS A 7 -4.30 5.30 0.95
CA LYS A 7 -3.14 5.72 1.72
C LYS A 7 -2.98 4.82 2.95
N VAL A 8 -1.83 4.16 3.01
CA VAL A 8 -1.55 3.26 4.12
C VAL A 8 -0.34 3.77 4.88
N LYS A 9 -0.13 3.21 6.07
CA LYS A 9 1.00 3.61 6.90
C LYS A 9 1.69 2.34 7.44
N CYS A 10 3.01 2.38 7.39
CA CYS A 10 3.80 1.25 7.85
C CYS A 10 3.71 1.20 9.38
N PRO A 11 3.39 -0.02 9.89
CA PRO A 11 3.25 -0.22 11.33
C PRO A 11 4.63 -0.26 12.00
N ASP A 12 5.58 -0.83 11.28
CA ASP A 12 6.94 -0.93 11.80
C ASP A 12 7.71 0.35 11.48
N CYS A 13 7.53 0.82 10.26
CA CYS A 13 8.20 2.03 9.81
C CYS A 13 7.49 3.23 10.45
N GLU A 14 6.20 3.07 10.66
CA GLU A 14 5.40 4.13 11.26
C GLU A 14 5.25 5.30 10.30
N HIS A 15 5.73 5.09 9.08
CA HIS A 15 5.67 6.11 8.06
C HIS A 15 4.45 5.89 7.17
N GLU A 16 3.93 6.97 6.64
CA GLU A 16 2.76 6.91 5.77
C GLU A 16 3.19 6.69 4.32
N GLN A 17 2.46 5.82 3.65
CA GLN A 17 2.75 5.51 2.26
C GLN A 17 1.45 5.28 1.47
N VAL A 18 1.53 5.55 0.18
CA VAL A 18 0.37 5.38 -0.69
C VAL A 18 0.64 4.24 -1.68
N ILE A 19 -0.17 3.19 -1.55
CA ILE A 19 -0.02 2.03 -2.42
C ILE A 19 -1.39 1.67 -3.01
N PHE A 20 -1.35 0.81 -4.02
CA PHE A 20 -2.58 0.38 -4.67
C PHE A 20 -3.28 -0.70 -3.85
N ASP A 21 -4.59 -0.74 -4.00
CA ASP A 21 -5.39 -1.72 -3.28
C ASP A 21 -5.42 -3.03 -4.08
N HIS A 22 -4.72 -3.02 -5.20
CA HIS A 22 -4.66 -4.19 -6.05
C HIS A 22 -3.43 -4.11 -6.96
N PRO A 23 -2.24 -4.09 -6.32
CA PRO A 23 -0.99 -4.01 -7.06
C PRO A 23 -0.66 -5.35 -7.72
N SER A 24 0.41 -5.34 -8.50
CA SER A 24 0.85 -6.54 -9.20
C SER A 24 2.21 -7.00 -8.65
N THR A 25 3.01 -6.01 -8.26
CA THR A 25 4.33 -6.30 -7.73
C THR A 25 4.34 -6.10 -6.21
N ILE A 26 5.37 -6.66 -5.58
CA ILE A 26 5.50 -6.55 -4.14
C ILE A 26 5.72 -5.09 -3.76
N VAL A 27 5.04 -4.68 -2.69
CA VAL A 27 5.14 -3.31 -2.22
C VAL A 27 6.15 -3.25 -1.06
N LYS A 28 7.25 -2.56 -1.32
CA LYS A 28 8.30 -2.42 -0.31
C LYS A 28 8.29 -0.98 0.22
N CYS A 29 8.48 -0.87 1.52
CA CYS A 29 8.51 0.44 2.16
C CYS A 29 9.60 1.28 1.50
N ILE A 30 9.18 2.42 0.96
CA ILE A 30 10.10 3.32 0.30
C ILE A 30 11.09 3.88 1.32
N ILE A 31 10.79 3.63 2.59
CA ILE A 31 11.63 4.10 3.67
C ILE A 31 12.88 3.22 3.76
N CYS A 32 12.69 2.05 4.36
CA CYS A 32 13.79 1.10 4.51
C CYS A 32 13.71 0.09 3.38
N GLY A 33 12.51 -0.46 3.20
CA GLY A 33 12.29 -1.45 2.15
C GLY A 33 11.59 -2.69 2.71
N ARG A 34 10.76 -2.47 3.72
CA ARG A 34 10.03 -3.56 4.35
C ARG A 34 8.69 -3.77 3.65
N THR A 35 8.27 -5.01 3.62
CA THR A 35 7.00 -5.37 2.99
C THR A 35 5.83 -4.71 3.74
N VAL A 36 5.04 -3.97 2.98
CA VAL A 36 3.90 -3.28 3.55
C VAL A 36 2.61 -3.90 3.00
N ALA A 37 2.72 -4.44 1.79
CA ALA A 37 1.58 -5.07 1.15
C ALA A 37 2.07 -6.03 0.07
N GLU A 38 1.38 -7.15 -0.05
CA GLU A 38 1.73 -8.16 -1.03
C GLU A 38 0.52 -8.49 -1.92
N PRO A 39 0.79 -8.49 -3.26
CA PRO A 39 -0.27 -8.79 -4.22
C PRO A 39 -0.60 -10.28 -4.23
N THR A 40 -1.18 -10.73 -3.14
CA THR A 40 -1.55 -12.14 -3.02
C THR A 40 -2.24 -12.62 -4.30
N GLY A 41 -1.47 -13.31 -5.12
CA GLY A 41 -1.99 -13.83 -6.37
C GLY A 41 -2.82 -12.78 -7.10
N GLY A 42 -4.13 -12.94 -7.01
CA GLY A 42 -5.05 -12.02 -7.65
C GLY A 42 -5.09 -10.68 -6.91
N LYS A 43 -6.10 -10.55 -6.06
CA LYS A 43 -6.27 -9.33 -5.28
C LYS A 43 -5.13 -9.21 -4.27
N GLY A 44 -4.72 -7.98 -4.04
CA GLY A 44 -3.64 -7.72 -3.10
C GLY A 44 -4.19 -7.45 -1.70
N ASN A 45 -3.33 -7.70 -0.71
CA ASN A 45 -3.71 -7.50 0.67
C ASN A 45 -2.69 -6.57 1.35
N ILE A 46 -3.23 -5.58 2.03
CA ILE A 46 -2.38 -4.61 2.72
C ILE A 46 -2.02 -5.15 4.10
N LYS A 47 -0.71 -5.25 4.34
CA LYS A 47 -0.22 -5.76 5.61
C LYS A 47 0.16 -4.59 6.51
N ALA A 48 -0.63 -3.53 6.40
CA ALA A 48 -0.38 -2.33 7.20
C ALA A 48 -1.71 -1.69 7.58
N GLU A 49 -1.64 -0.77 8.53
CA GLU A 49 -2.83 -0.08 8.99
C GLU A 49 -3.26 0.98 7.97
N ILE A 50 -4.44 0.76 7.41
CA ILE A 50 -4.97 1.68 6.41
C ILE A 50 -5.57 2.90 7.12
N ILE A 51 -5.23 4.07 6.59
CA ILE A 51 -5.73 5.30 7.16
C ILE A 51 -7.07 5.66 6.52
N GLU A 52 -7.08 5.66 5.20
CA GLU A 52 -8.29 5.97 4.46
C GLU A 52 -7.95 6.28 3.00
N TYR A 53 -8.94 6.80 2.29
CA TYR A 53 -8.76 7.14 0.89
C TYR A 53 -7.86 8.37 0.74
N VAL A 54 -6.97 8.30 -0.24
CA VAL A 54 -6.05 9.39 -0.51
C VAL A 54 -6.82 10.56 -1.12
N ASP A 55 -6.09 11.65 -1.34
CA ASP A 55 -6.70 12.84 -1.92
C ASP A 55 -6.18 13.02 -3.34
N GLN A 56 -5.01 13.64 -3.44
CA GLN A 56 -4.38 13.88 -4.73
C GLN A 56 -4.02 12.56 -5.40
N ILE A 57 -4.96 12.06 -6.20
CA ILE A 57 -4.74 10.81 -6.91
C ILE A 57 -3.53 10.95 -7.84
N GLU A 58 -3.11 9.82 -8.39
CA GLU A 58 -1.97 9.80 -9.29
C GLU A 58 -2.43 10.01 -10.73
N MET A 1 -5.82 4.13 -15.26
CA MET A 1 -6.62 4.36 -14.07
C MET A 1 -7.18 3.04 -13.51
N HIS A 2 -6.30 2.07 -13.37
CA HIS A 2 -6.69 0.77 -12.87
C HIS A 2 -6.53 0.74 -11.34
N SER A 3 -7.49 0.11 -10.68
CA SER A 3 -7.47 0.00 -9.24
C SER A 3 -7.70 1.37 -8.61
N ARG A 4 -8.15 1.36 -7.37
CA ARG A 4 -8.41 2.59 -6.64
C ARG A 4 -7.20 2.97 -5.80
N PHE A 5 -7.24 4.20 -5.28
CA PHE A 5 -6.15 4.70 -4.46
C PHE A 5 -6.48 4.54 -2.97
N VAL A 6 -5.47 4.10 -2.22
CA VAL A 6 -5.64 3.89 -0.79
C VAL A 6 -4.34 4.27 -0.09
N LYS A 7 -4.47 5.14 0.91
CA LYS A 7 -3.33 5.60 1.67
C LYS A 7 -3.14 4.69 2.90
N VAL A 8 -1.98 4.07 2.97
CA VAL A 8 -1.67 3.18 4.07
C VAL A 8 -0.43 3.69 4.81
N LYS A 9 -0.21 3.14 5.99
CA LYS A 9 0.93 3.52 6.79
C LYS A 9 1.67 2.27 7.28
N CYS A 10 2.99 2.34 7.21
CA CYS A 10 3.81 1.21 7.64
C CYS A 10 3.74 1.12 9.17
N PRO A 11 3.44 -0.12 9.65
CA PRO A 11 3.34 -0.36 11.08
C PRO A 11 4.73 -0.39 11.73
N ASP A 12 5.67 -0.95 11.00
CA ASP A 12 7.04 -1.05 11.49
C ASP A 12 7.77 0.27 11.22
N CYS A 13 7.56 0.80 10.02
CA CYS A 13 8.20 2.05 9.63
C CYS A 13 7.48 3.19 10.34
N GLU A 14 6.16 3.06 10.43
CA GLU A 14 5.35 4.07 11.08
C GLU A 14 5.15 5.27 10.16
N HIS A 15 5.62 5.11 8.92
CA HIS A 15 5.50 6.17 7.94
C HIS A 15 4.27 5.91 7.06
N GLU A 16 3.72 7.00 6.55
CA GLU A 16 2.54 6.91 5.70
C GLU A 16 2.96 6.73 4.24
N GLN A 17 2.25 5.84 3.56
CA GLN A 17 2.54 5.58 2.15
C GLN A 17 1.24 5.34 1.38
N VAL A 18 1.31 5.57 0.08
CA VAL A 18 0.15 5.39 -0.77
C VAL A 18 0.42 4.25 -1.76
N ILE A 19 -0.34 3.18 -1.60
CA ILE A 19 -0.19 2.02 -2.46
C ILE A 19 -1.57 1.57 -2.95
N PHE A 20 -1.56 0.71 -3.96
CA PHE A 20 -2.79 0.20 -4.53
C PHE A 20 -3.42 -0.85 -3.61
N ASP A 21 -4.74 -0.94 -3.69
CA ASP A 21 -5.48 -1.90 -2.88
C ASP A 21 -5.52 -3.24 -3.60
N HIS A 22 -4.96 -3.26 -4.81
CA HIS A 22 -4.92 -4.47 -5.60
C HIS A 22 -3.78 -4.38 -6.61
N PRO A 23 -2.53 -4.31 -6.07
CA PRO A 23 -1.35 -4.23 -6.91
C PRO A 23 -1.03 -5.59 -7.55
N SER A 24 0.01 -5.58 -8.36
CA SER A 24 0.43 -6.80 -9.04
C SER A 24 1.82 -7.22 -8.56
N THR A 25 2.63 -6.22 -8.26
CA THR A 25 3.99 -6.46 -7.78
C THR A 25 4.08 -6.19 -6.28
N ILE A 26 5.14 -6.72 -5.69
CA ILE A 26 5.37 -6.54 -4.26
C ILE A 26 5.60 -5.05 -3.96
N VAL A 27 5.03 -4.60 -2.86
CA VAL A 27 5.17 -3.21 -2.46
C VAL A 27 6.17 -3.12 -1.30
N LYS A 28 7.29 -2.48 -1.57
CA LYS A 28 8.32 -2.32 -0.56
C LYS A 28 8.30 -0.88 -0.03
N CYS A 29 8.55 -0.76 1.26
CA CYS A 29 8.55 0.55 1.90
C CYS A 29 9.60 1.42 1.19
N ILE A 30 9.20 2.66 0.90
CA ILE A 30 10.08 3.59 0.23
C ILE A 30 11.09 4.15 1.24
N ILE A 31 10.84 3.84 2.51
CA ILE A 31 11.72 4.30 3.57
C ILE A 31 12.96 3.41 3.62
N CYS A 32 12.80 2.26 4.25
CA CYS A 32 13.90 1.32 4.38
C CYS A 32 13.81 0.33 3.22
N GLY A 33 12.64 -0.27 3.08
CA GLY A 33 12.41 -1.24 2.03
C GLY A 33 11.74 -2.50 2.57
N ARG A 34 10.89 -2.29 3.56
CA ARG A 34 10.17 -3.39 4.18
C ARG A 34 8.84 -3.63 3.46
N THR A 35 8.42 -4.90 3.47
CA THR A 35 7.17 -5.27 2.82
C THR A 35 5.98 -4.67 3.57
N VAL A 36 5.16 -3.95 2.83
CA VAL A 36 3.99 -3.32 3.41
C VAL A 36 2.72 -3.97 2.83
N ALA A 37 2.83 -4.39 1.57
CA ALA A 37 1.72 -5.02 0.90
C ALA A 37 2.25 -6.04 -0.11
N GLU A 38 1.59 -7.19 -0.15
CA GLU A 38 1.99 -8.25 -1.06
C GLU A 38 0.77 -8.77 -1.84
N PRO A 39 0.96 -8.88 -3.18
CA PRO A 39 -0.10 -9.36 -4.04
C PRO A 39 -0.29 -10.88 -3.91
N THR A 40 -1.27 -11.24 -3.10
CA THR A 40 -1.56 -12.65 -2.87
C THR A 40 -2.15 -13.28 -4.14
N GLY A 41 -2.41 -12.43 -5.11
CA GLY A 41 -2.97 -12.89 -6.37
C GLY A 41 -4.32 -12.25 -6.64
N GLY A 42 -5.33 -12.69 -5.89
CA GLY A 42 -6.66 -12.16 -6.04
C GLY A 42 -6.90 -10.98 -5.10
N LYS A 43 -6.54 -9.80 -5.59
CA LYS A 43 -6.70 -8.58 -4.81
C LYS A 43 -5.65 -8.56 -3.70
N GLY A 44 -4.50 -7.98 -4.02
CA GLY A 44 -3.42 -7.88 -3.06
C GLY A 44 -3.95 -7.61 -1.65
N ASN A 45 -3.13 -7.96 -0.67
CA ASN A 45 -3.51 -7.76 0.72
C ASN A 45 -2.57 -6.74 1.35
N ILE A 46 -3.17 -5.77 2.04
CA ILE A 46 -2.39 -4.73 2.69
C ILE A 46 -1.94 -5.22 4.07
N LYS A 47 -0.64 -5.42 4.20
CA LYS A 47 -0.07 -5.88 5.45
C LYS A 47 0.33 -4.68 6.30
N ALA A 48 -0.48 -3.63 6.22
CA ALA A 48 -0.23 -2.42 6.97
C ALA A 48 -1.55 -1.80 7.39
N GLU A 49 -1.47 -0.91 8.38
CA GLU A 49 -2.66 -0.23 8.87
C GLU A 49 -3.11 0.85 7.88
N ILE A 50 -4.36 0.72 7.47
CA ILE A 50 -4.93 1.68 6.53
C ILE A 50 -5.50 2.87 7.29
N ILE A 51 -5.39 4.04 6.68
CA ILE A 51 -5.90 5.26 7.29
C ILE A 51 -7.24 5.62 6.65
N GLU A 52 -7.24 5.65 5.32
CA GLU A 52 -8.44 5.99 4.59
C GLU A 52 -8.10 6.24 3.11
N TYR A 53 -9.10 6.74 2.39
CA TYR A 53 -8.92 7.03 0.97
C TYR A 53 -8.02 8.25 0.78
N VAL A 54 -7.17 8.16 -0.23
CA VAL A 54 -6.25 9.25 -0.54
C VAL A 54 -7.03 10.40 -1.15
N ASP A 55 -6.39 11.56 -1.17
CA ASP A 55 -7.02 12.75 -1.72
C ASP A 55 -6.52 12.97 -3.15
N GLN A 56 -5.41 13.68 -3.26
CA GLN A 56 -4.82 13.96 -4.56
C GLN A 56 -4.40 12.66 -5.24
N ILE A 57 -5.31 12.13 -6.04
CA ILE A 57 -5.03 10.89 -6.76
C ILE A 57 -3.86 11.10 -7.72
N GLU A 58 -3.39 9.99 -8.28
CA GLU A 58 -2.28 10.04 -9.21
C GLU A 58 -2.78 10.33 -10.63
N MET A 1 -14.71 1.09 -13.72
CA MET A 1 -14.03 2.08 -12.89
C MET A 1 -12.52 1.90 -12.93
N HIS A 2 -11.82 3.01 -12.77
CA HIS A 2 -10.37 2.99 -12.80
C HIS A 2 -9.83 2.81 -11.37
N SER A 3 -8.78 2.01 -11.27
CA SER A 3 -8.17 1.75 -9.98
C SER A 3 -8.18 3.02 -9.12
N ARG A 4 -8.39 2.82 -7.84
CA ARG A 4 -8.44 3.94 -6.90
C ARG A 4 -7.16 3.98 -6.07
N PHE A 5 -7.01 5.08 -5.32
CA PHE A 5 -5.84 5.25 -4.48
C PHE A 5 -6.17 4.98 -3.02
N VAL A 6 -5.16 4.52 -2.30
CA VAL A 6 -5.33 4.21 -0.89
C VAL A 6 -4.04 4.55 -0.14
N LYS A 7 -4.19 5.36 0.89
CA LYS A 7 -3.05 5.77 1.70
C LYS A 7 -2.92 4.83 2.90
N VAL A 8 -1.77 4.18 2.98
CA VAL A 8 -1.51 3.25 4.07
C VAL A 8 -0.30 3.74 4.87
N LYS A 9 -0.12 3.15 6.04
CA LYS A 9 0.99 3.50 6.90
C LYS A 9 1.66 2.24 7.43
N CYS A 10 2.98 2.25 7.43
CA CYS A 10 3.74 1.12 7.91
C CYS A 10 3.59 1.04 9.42
N PRO A 11 3.26 -0.19 9.91
CA PRO A 11 3.08 -0.41 11.33
C PRO A 11 4.43 -0.46 12.05
N ASP A 12 5.41 -1.02 11.36
CA ASP A 12 6.75 -1.14 11.92
C ASP A 12 7.51 0.16 11.67
N CYS A 13 7.33 0.70 10.47
CA CYS A 13 8.00 1.93 10.09
C CYS A 13 7.24 3.10 10.73
N GLU A 14 5.94 2.90 10.90
CA GLU A 14 5.10 3.93 11.50
C GLU A 14 5.00 5.14 10.57
N HIS A 15 5.52 4.97 9.36
CA HIS A 15 5.50 6.03 8.37
C HIS A 15 4.31 5.82 7.43
N GLU A 16 3.80 6.93 6.91
CA GLU A 16 2.68 6.87 6.00
C GLU A 16 3.16 6.71 4.55
N GLN A 17 2.47 5.86 3.82
CA GLN A 17 2.82 5.60 2.43
C GLN A 17 1.56 5.41 1.58
N VAL A 18 1.73 5.61 0.28
CA VAL A 18 0.62 5.47 -0.63
C VAL A 18 0.92 4.35 -1.63
N ILE A 19 0.05 3.34 -1.62
CA ILE A 19 0.22 2.20 -2.51
C ILE A 19 -1.12 1.87 -3.16
N PHE A 20 -1.06 1.04 -4.19
CA PHE A 20 -2.25 0.64 -4.91
C PHE A 20 -3.01 -0.45 -4.14
N ASP A 21 -4.32 -0.47 -4.36
CA ASP A 21 -5.17 -1.44 -3.70
C ASP A 21 -5.13 -2.75 -4.48
N HIS A 22 -4.54 -2.68 -5.66
CA HIS A 22 -4.43 -3.86 -6.51
C HIS A 22 -3.10 -3.82 -7.27
N PRO A 23 -2.00 -3.89 -6.47
CA PRO A 23 -0.67 -3.87 -7.05
C PRO A 23 -0.33 -5.22 -7.70
N SER A 24 0.75 -5.21 -8.48
CA SER A 24 1.18 -6.41 -9.16
C SER A 24 2.54 -6.87 -8.60
N THR A 25 3.33 -5.89 -8.18
CA THR A 25 4.64 -6.17 -7.63
C THR A 25 4.64 -5.99 -6.12
N ILE A 26 5.64 -6.56 -5.48
CA ILE A 26 5.76 -6.47 -4.03
C ILE A 26 6.00 -5.01 -3.64
N VAL A 27 5.34 -4.61 -2.55
CA VAL A 27 5.47 -3.25 -2.06
C VAL A 27 6.44 -3.24 -0.88
N LYS A 28 7.58 -2.58 -1.09
CA LYS A 28 8.59 -2.49 -0.05
C LYS A 28 8.61 -1.06 0.50
N CYS A 29 8.73 -0.97 1.82
CA CYS A 29 8.77 0.32 2.48
C CYS A 29 9.90 1.15 1.87
N ILE A 30 9.54 2.31 1.35
CA ILE A 30 10.51 3.19 0.74
C ILE A 30 11.49 3.69 1.81
N ILE A 31 11.13 3.42 3.05
CA ILE A 31 11.97 3.82 4.17
C ILE A 31 13.14 2.85 4.30
N CYS A 32 12.86 1.73 4.94
CA CYS A 32 13.88 0.71 5.16
C CYS A 32 13.84 -0.26 3.97
N GLY A 33 12.64 -0.76 3.69
CA GLY A 33 12.46 -1.69 2.60
C GLY A 33 11.68 -2.92 3.05
N ARG A 34 10.81 -2.72 4.02
CA ARG A 34 10.01 -3.80 4.56
C ARG A 34 8.69 -3.92 3.78
N THR A 35 8.22 -5.16 3.67
CA THR A 35 6.99 -5.42 2.95
C THR A 35 5.81 -4.71 3.63
N VAL A 36 5.10 -3.92 2.84
CA VAL A 36 3.96 -3.19 3.36
C VAL A 36 2.68 -3.72 2.71
N ALA A 37 2.87 -4.50 1.65
CA ALA A 37 1.75 -5.07 0.93
C ALA A 37 2.25 -6.19 0.02
N GLU A 38 1.49 -7.28 0.00
CA GLU A 38 1.85 -8.43 -0.82
C GLU A 38 0.69 -8.80 -1.74
N PRO A 39 1.04 -9.04 -3.04
CA PRO A 39 0.05 -9.40 -4.03
C PRO A 39 -0.41 -10.85 -3.86
N THR A 40 -0.94 -11.12 -2.66
CA THR A 40 -1.43 -12.45 -2.35
C THR A 40 -2.10 -13.08 -3.57
N GLY A 41 -1.45 -14.12 -4.10
CA GLY A 41 -1.97 -14.81 -5.25
C GLY A 41 -2.25 -13.84 -6.40
N GLY A 42 -3.51 -13.46 -6.53
CA GLY A 42 -3.92 -12.54 -7.57
C GLY A 42 -4.19 -11.14 -6.99
N LYS A 43 -5.12 -11.10 -6.04
CA LYS A 43 -5.47 -9.85 -5.40
C LYS A 43 -4.31 -9.37 -4.52
N GLY A 44 -4.39 -8.12 -4.13
CA GLY A 44 -3.35 -7.53 -3.28
C GLY A 44 -3.90 -7.19 -1.90
N ASN A 45 -3.18 -7.63 -0.88
CA ASN A 45 -3.59 -7.37 0.49
C ASN A 45 -2.54 -6.48 1.17
N ILE A 46 -3.03 -5.42 1.79
CA ILE A 46 -2.15 -4.49 2.48
C ILE A 46 -1.87 -5.01 3.89
N LYS A 47 -0.61 -5.34 4.13
CA LYS A 47 -0.20 -5.84 5.43
C LYS A 47 0.23 -4.68 6.31
N ALA A 48 -0.53 -3.60 6.23
CA ALA A 48 -0.25 -2.42 7.02
C ALA A 48 -1.57 -1.74 7.42
N GLU A 49 -1.46 -0.84 8.39
CA GLU A 49 -2.63 -0.13 8.87
C GLU A 49 -3.07 0.92 7.85
N ILE A 50 -4.25 0.69 7.28
CA ILE A 50 -4.79 1.60 6.29
C ILE A 50 -5.44 2.80 7.00
N ILE A 51 -5.28 3.96 6.40
CA ILE A 51 -5.85 5.18 6.96
C ILE A 51 -7.14 5.52 6.22
N GLU A 52 -7.06 5.52 4.91
CA GLU A 52 -8.22 5.82 4.07
C GLU A 52 -7.77 6.21 2.67
N TYR A 53 -8.74 6.71 1.90
CA TYR A 53 -8.46 7.14 0.54
C TYR A 53 -7.65 8.43 0.51
N VAL A 54 -6.72 8.49 -0.41
CA VAL A 54 -5.88 9.67 -0.56
C VAL A 54 -6.59 10.71 -1.42
N ASP A 55 -5.96 11.86 -1.56
CA ASP A 55 -6.51 12.94 -2.35
C ASP A 55 -5.72 13.07 -3.66
N GLN A 56 -4.53 12.49 -3.65
CA GLN A 56 -3.67 12.53 -4.82
C GLN A 56 -4.18 11.56 -5.89
N ILE A 57 -5.15 12.03 -6.66
CA ILE A 57 -5.72 11.22 -7.71
C ILE A 57 -4.64 10.89 -8.74
N GLU A 58 -4.99 9.99 -9.66
CA GLU A 58 -4.07 9.59 -10.70
C GLU A 58 -3.83 10.74 -11.69
#